data_5VXT
#
_entry.id   5VXT
#
_cell.length_a   66.080
_cell.length_b   52.200
_cell.length_c   105.190
_cell.angle_alpha   90.000
_cell.angle_beta   106.620
_cell.angle_gamma   90.000
#
_symmetry.space_group_name_H-M   'P 1 21 1'
#
loop_
_entity.id
_entity.type
_entity.pdbx_description
1 polymer 'Catechol 1,2-dioxygenase'
2 non-polymer PHOSPHATIDYLETHANOLAMINE
3 non-polymer 'FE (III) ION'
4 non-polymer CATECHOL
5 non-polymer 1,2-ETHANEDIOL
6 non-polymer 'CHLORIDE ION'
7 water water
#
_entity_poly.entity_id   1
_entity_poly.type   'polypeptide(L)'
_entity_poly.pdbx_seq_one_letter_code
;MAHHHHHHMSVKVFDTKEVQDLLKAASNAGTNGANGTQAGNARTQQIVHRLLGDLFKAIDDLDITPDEVWAGVNYLNKLG
QDGEAALLAAGLGLEKYLDIRMDAEDEAIGLDGGTPRTIEGPLYVAGAPVRDGVAKIDLDADEGAGPLVIHGTVTGLDGK
PVAGALVECWHANSHGFYSHFDPTGKQSDFNLRGAVKTGADGKYEFRTLMPVGYGCPPQGATQQLLDRLGRHGNRPAHVH
FFVTSDGHRKLTTQFNIEGDPLIWDDFAYATREELIPPVTAKAGGAALGLKADAYQDIEFNFVLTPRVEGKDNQIVERLR
ASATA
;
_entity_poly.pdbx_strand_id   A,B
#
loop_
_chem_comp.id
_chem_comp.type
_chem_comp.name
_chem_comp.formula
CAQ non-polymer CATECHOL 'C6 H6 O2'
CL non-polymer 'CHLORIDE ION' 'Cl -1'
EDO non-polymer 1,2-ETHANEDIOL 'C2 H6 O2'
FE non-polymer 'FE (III) ION' 'Fe 3'
PTY non-polymer PHOSPHATIDYLETHANOLAMINE 'C40 H80 N O8 P'
#
# COMPACT_ATOMS: atom_id res chain seq x y z
N HIS A 5 18.30 -10.45 17.69
CA HIS A 5 18.19 -10.44 19.15
C HIS A 5 19.24 -9.53 19.78
N HIS A 6 20.53 -9.84 19.57
CA HIS A 6 21.60 -8.98 20.04
C HIS A 6 21.76 -7.79 19.11
N HIS A 7 22.28 -6.69 19.65
CA HIS A 7 22.42 -5.47 18.86
C HIS A 7 23.74 -5.44 18.10
N HIS A 8 23.67 -5.08 16.81
CA HIS A 8 24.86 -4.90 15.99
C HIS A 8 24.71 -3.61 15.19
N MET A 9 25.81 -3.21 14.56
CA MET A 9 25.80 -1.98 13.78
C MET A 9 25.07 -2.19 12.46
N SER A 10 24.19 -1.27 12.11
CA SER A 10 23.48 -1.40 10.86
C SER A 10 24.44 -1.16 9.69
N VAL A 11 24.38 -2.03 8.69
CA VAL A 11 25.21 -1.83 7.51
C VAL A 11 24.71 -0.64 6.72
N LYS A 12 25.63 0.11 6.16
CA LYS A 12 25.32 1.30 5.37
C LYS A 12 25.72 0.99 3.94
N VAL A 13 24.72 0.88 3.05
CA VAL A 13 24.95 0.56 1.65
C VAL A 13 24.31 1.59 0.74
N PHE A 14 23.49 2.48 1.31
CA PHE A 14 22.72 3.40 0.47
C PHE A 14 23.60 4.19 -0.48
N ASP A 15 24.73 4.70 -0.01
CA ASP A 15 25.54 5.58 -0.86
C ASP A 15 26.49 4.83 -1.80
N THR A 16 26.44 3.50 -1.83
CA THR A 16 27.23 2.77 -2.80
C THR A 16 26.71 2.98 -4.22
N LYS A 17 27.59 2.76 -5.21
CA LYS A 17 27.20 2.93 -6.61
C LYS A 17 26.14 1.91 -7.02
N GLU A 18 26.23 0.70 -6.47
CA GLU A 18 25.28 -0.34 -6.87
C GLU A 18 23.86 0.04 -6.46
N VAL A 19 23.72 0.57 -5.25
CA VAL A 19 22.40 1.00 -4.80
C VAL A 19 21.90 2.19 -5.59
N GLN A 20 22.76 3.19 -5.82
CA GLN A 20 22.34 4.34 -6.58
CA GLN A 20 22.34 4.34 -6.59
C GLN A 20 21.97 3.95 -8.01
N ASP A 21 22.72 3.00 -8.59
CA ASP A 21 22.38 2.47 -9.91
C ASP A 21 21.04 1.73 -9.87
N LEU A 22 20.82 0.92 -8.82
CA LEU A 22 19.56 0.21 -8.70
C LEU A 22 18.38 1.18 -8.59
N LEU A 23 18.55 2.25 -7.81
CA LEU A 23 17.49 3.24 -7.64
CA LEU A 23 17.49 3.24 -7.64
C LEU A 23 17.15 3.92 -8.97
N LYS A 24 18.17 4.27 -9.74
CA LYS A 24 17.92 4.92 -11.03
C LYS A 24 17.25 3.96 -12.00
N ALA A 25 17.65 2.69 -12.01
CA ALA A 25 17.01 1.70 -12.87
C ALA A 25 15.57 1.45 -12.47
N ALA A 26 15.30 1.30 -11.17
CA ALA A 26 13.97 0.95 -10.71
C ALA A 26 12.99 2.10 -10.94
N SER A 27 13.43 3.33 -10.76
CA SER A 27 12.58 4.47 -11.02
C SER A 27 12.61 4.89 -12.47
N ASN A 28 13.61 4.43 -13.22
CA ASN A 28 13.86 4.85 -14.60
C ASN A 28 13.99 6.37 -14.69
N ALA A 29 14.54 7.00 -13.65
CA ALA A 29 14.64 8.45 -13.58
C ALA A 29 15.99 8.89 -14.17
N GLY A 30 15.94 9.60 -15.28
CA GLY A 30 17.15 10.10 -15.92
C GLY A 30 16.99 10.47 -17.37
N ALA A 39 11.17 7.31 -22.67
CA ALA A 39 9.92 6.59 -22.40
C ALA A 39 9.57 6.66 -20.91
N GLY A 40 8.28 6.71 -20.62
CA GLY A 40 7.79 6.84 -19.26
C GLY A 40 7.34 8.25 -18.95
N ASN A 41 6.63 8.38 -17.82
CA ASN A 41 6.16 9.68 -17.35
C ASN A 41 7.18 10.28 -16.38
N ALA A 42 7.73 11.45 -16.75
CA ALA A 42 8.85 12.01 -16.00
C ALA A 42 8.45 12.33 -14.56
N ARG A 43 7.23 12.85 -14.35
CA ARG A 43 6.79 13.20 -13.00
C ARG A 43 6.67 11.97 -12.11
N THR A 44 6.09 10.88 -12.63
CA THR A 44 5.99 9.66 -11.84
C THR A 44 7.38 9.08 -11.54
N GLN A 45 8.28 9.11 -12.53
CA GLN A 45 9.66 8.67 -12.29
C GLN A 45 10.33 9.49 -11.19
N GLN A 46 10.13 10.82 -11.22
CA GLN A 46 10.73 11.69 -10.22
C GLN A 46 10.24 11.36 -8.83
N ILE A 47 8.92 11.17 -8.67
CA ILE A 47 8.35 10.89 -7.36
C ILE A 47 8.78 9.51 -6.87
N VAL A 48 8.74 8.51 -7.76
CA VAL A 48 9.16 7.17 -7.36
C VAL A 48 10.63 7.17 -6.95
N HIS A 49 11.49 7.85 -7.72
CA HIS A 49 12.91 7.90 -7.36
C HIS A 49 13.10 8.48 -5.97
N ARG A 50 12.35 9.52 -5.65
CA ARG A 50 12.48 10.12 -4.32
C ARG A 50 11.93 9.20 -3.23
N LEU A 51 10.70 8.70 -3.41
CA LEU A 51 10.08 7.91 -2.36
C LEU A 51 10.83 6.60 -2.15
N LEU A 52 11.25 5.96 -3.24
CA LEU A 52 12.00 4.71 -3.12
C LEU A 52 13.37 4.94 -2.51
N GLY A 53 14.07 6.00 -2.92
CA GLY A 53 15.35 6.32 -2.31
C GLY A 53 15.23 6.64 -0.83
N ASP A 54 14.20 7.39 -0.45
CA ASP A 54 13.99 7.66 0.97
C ASP A 54 13.76 6.38 1.75
N LEU A 55 13.00 5.44 1.17
CA LEU A 55 12.76 4.18 1.86
C LEU A 55 14.05 3.39 2.04
N PHE A 56 14.85 3.26 0.99
CA PHE A 56 16.14 2.58 1.12
C PHE A 56 16.98 3.22 2.22
N LYS A 57 17.03 4.56 2.24
CA LYS A 57 17.84 5.25 3.24
C LYS A 57 17.29 5.03 4.65
N ALA A 58 15.96 5.00 4.79
CA ALA A 58 15.36 4.72 6.10
C ALA A 58 15.69 3.31 6.56
N ILE A 59 15.73 2.36 5.63
CA ILE A 59 16.05 0.98 5.99
C ILE A 59 17.47 0.90 6.53
N ASP A 60 18.41 1.59 5.88
CA ASP A 60 19.78 1.70 6.39
C ASP A 60 19.81 2.30 7.80
N ASP A 61 19.20 3.48 7.96
CA ASP A 61 19.35 4.21 9.22
C ASP A 61 18.75 3.46 10.39
N LEU A 62 17.59 2.84 10.19
CA LEU A 62 16.90 2.15 11.28
C LEU A 62 17.20 0.66 11.30
N ASP A 63 18.00 0.17 10.36
CA ASP A 63 18.28 -1.26 10.23
C ASP A 63 16.98 -2.05 10.19
N ILE A 64 16.10 -1.66 9.27
CA ILE A 64 14.82 -2.34 9.13
C ILE A 64 15.08 -3.71 8.52
N THR A 65 14.70 -4.75 9.23
CA THR A 65 15.05 -6.10 8.84
C THR A 65 14.15 -6.58 7.71
N PRO A 66 14.58 -7.62 6.98
CA PRO A 66 13.67 -8.22 5.99
C PRO A 66 12.35 -8.65 6.59
N ASP A 67 12.36 -9.27 7.78
CA ASP A 67 11.11 -9.65 8.43
C ASP A 67 10.22 -8.44 8.61
N GLU A 68 10.81 -7.30 8.99
CA GLU A 68 10.01 -6.09 9.15
C GLU A 68 9.52 -5.58 7.80
N VAL A 69 10.38 -5.58 6.78
CA VAL A 69 9.96 -5.08 5.47
C VAL A 69 8.80 -5.93 4.94
N TRP A 70 8.92 -7.24 5.01
CA TRP A 70 7.87 -8.10 4.47
C TRP A 70 6.58 -7.98 5.24
N ALA A 71 6.64 -7.73 6.54
CA ALA A 71 5.42 -7.45 7.28
C ALA A 71 4.73 -6.21 6.76
N GLY A 72 5.49 -5.14 6.48
CA GLY A 72 4.88 -3.95 5.88
C GLY A 72 4.32 -4.23 4.50
N VAL A 73 5.05 -5.01 3.71
CA VAL A 73 4.60 -5.35 2.36
C VAL A 73 3.27 -6.10 2.43
N ASN A 74 3.20 -7.11 3.28
CA ASN A 74 1.96 -7.89 3.39
C ASN A 74 0.86 -7.08 4.06
N TYR A 75 1.23 -6.14 4.92
CA TYR A 75 0.24 -5.21 5.46
C TYR A 75 -0.41 -4.40 4.34
N LEU A 76 0.40 -3.97 3.35
CA LEU A 76 -0.15 -3.20 2.23
C LEU A 76 -1.14 -4.03 1.44
N ASN A 77 -0.88 -5.33 1.31
CA ASN A 77 -1.87 -6.19 0.66
C ASN A 77 -3.18 -6.17 1.41
N LYS A 78 -3.12 -6.33 2.74
CA LYS A 78 -4.33 -6.32 3.54
C LYS A 78 -5.04 -4.98 3.44
N LEU A 79 -4.26 -3.90 3.51
CA LEU A 79 -4.83 -2.55 3.46
C LEU A 79 -5.66 -2.35 2.20
N GLY A 80 -5.10 -2.75 1.05
CA GLY A 80 -5.85 -2.63 -0.20
C GLY A 80 -6.99 -3.60 -0.29
N GLN A 81 -6.80 -4.82 0.21
CA GLN A 81 -7.87 -5.80 0.25
C GLN A 81 -9.07 -5.27 1.02
N ASP A 82 -8.82 -4.62 2.16
CA ASP A 82 -9.90 -4.04 2.93
C ASP A 82 -10.46 -2.79 2.27
N GLY A 83 -9.79 -2.27 1.24
CA GLY A 83 -10.20 -1.01 0.64
C GLY A 83 -10.04 0.18 1.56
N GLU A 84 -9.00 0.18 2.40
CA GLU A 84 -8.87 1.16 3.47
C GLU A 84 -7.72 2.14 3.30
N ALA A 85 -7.04 2.16 2.14
CA ALA A 85 -5.89 3.04 1.98
C ALA A 85 -6.24 4.49 2.33
N ALA A 86 -7.43 4.96 1.92
CA ALA A 86 -7.81 6.35 2.19
C ALA A 86 -8.16 6.55 3.65
N LEU A 87 -8.63 5.50 4.32
CA LEU A 87 -8.89 5.59 5.75
C LEU A 87 -7.58 5.74 6.52
N LEU A 88 -6.55 4.98 6.13
CA LEU A 88 -5.24 5.13 6.75
C LEU A 88 -4.61 6.49 6.41
N ALA A 89 -4.85 6.99 5.18
CA ALA A 89 -4.36 8.32 4.85
C ALA A 89 -4.89 9.35 5.84
N ALA A 90 -6.17 9.21 6.22
CA ALA A 90 -6.72 10.12 7.21
C ALA A 90 -6.14 9.84 8.59
N GLY A 91 -6.04 8.55 8.95
CA GLY A 91 -5.58 8.18 10.28
C GLY A 91 -4.15 8.54 10.57
N LEU A 92 -3.30 8.59 9.54
CA LEU A 92 -1.92 8.96 9.75
C LEU A 92 -1.69 10.45 9.54
N GLY A 93 -2.75 11.24 9.41
CA GLY A 93 -2.60 12.68 9.28
C GLY A 93 -2.21 13.14 7.90
N LEU A 94 -2.08 12.22 6.95
CA LEU A 94 -1.72 12.63 5.60
C LEU A 94 -2.80 13.51 5.00
N GLU A 95 -4.07 13.17 5.23
CA GLU A 95 -5.14 13.98 4.68
C GLU A 95 -5.12 15.38 5.32
N LYS A 96 -4.90 15.44 6.63
CA LYS A 96 -4.77 16.75 7.28
C LYS A 96 -3.57 17.52 6.73
N TYR A 97 -2.47 16.81 6.48
CA TYR A 97 -1.27 17.46 5.94
C TYR A 97 -1.58 18.15 4.63
N LEU A 98 -2.39 17.52 3.77
CA LEU A 98 -2.72 18.16 2.50
C LEU A 98 -3.46 19.47 2.73
N ASP A 99 -4.33 19.52 3.74
CA ASP A 99 -5.02 20.78 4.09
C ASP A 99 -4.04 21.79 4.66
N ILE A 100 -3.11 21.37 5.52
CA ILE A 100 -2.10 22.31 6.00
C ILE A 100 -1.39 22.99 4.84
N ARG A 101 -1.05 22.22 3.80
CA ARG A 101 -0.35 22.81 2.67
C ARG A 101 -1.26 23.74 1.88
N MET A 102 -2.53 23.36 1.66
CA MET A 102 -3.44 24.26 0.96
C MET A 102 -3.71 25.53 1.78
N ASP A 103 -3.80 25.40 3.11
CA ASP A 103 -4.02 26.57 3.96
C ASP A 103 -2.83 27.53 3.89
N ALA A 104 -1.62 27.00 3.82
CA ALA A 104 -0.43 27.83 3.70
C ALA A 104 -0.39 28.55 2.36
N GLU A 105 -0.80 27.85 1.30
CA GLU A 105 -0.97 28.49 -0.02
C GLU A 105 -1.92 29.68 0.06
N ASP A 106 -3.09 29.48 0.66
CA ASP A 106 -4.08 30.54 0.74
C ASP A 106 -3.55 31.73 1.53
N GLU A 107 -2.93 31.45 2.66
CA GLU A 107 -2.39 32.52 3.49
CA GLU A 107 -2.39 32.51 3.50
C GLU A 107 -1.37 33.35 2.73
N ALA A 108 -0.50 32.69 1.96
CA ALA A 108 0.56 33.42 1.27
C ALA A 108 0.00 34.42 0.27
N ILE A 109 -1.10 34.06 -0.40
CA ILE A 109 -1.65 34.92 -1.45
C ILE A 109 -2.88 35.69 -1.00
N GLY A 110 -3.29 35.54 0.26
CA GLY A 110 -4.42 36.31 0.76
C GLY A 110 -5.80 35.76 0.41
N LEU A 111 -5.95 34.44 0.38
CA LEU A 111 -7.22 33.79 0.11
C LEU A 111 -7.72 32.98 1.32
N ASP A 112 -7.42 33.47 2.52
CA ASP A 112 -7.60 32.69 3.75
C ASP A 112 -8.71 33.23 4.65
N GLY A 113 -9.67 33.98 4.11
CA GLY A 113 -10.60 34.68 4.97
C GLY A 113 -11.94 34.02 5.22
N GLY A 114 -12.22 32.90 4.56
CA GLY A 114 -13.54 32.32 4.59
C GLY A 114 -13.69 31.27 5.67
N THR A 115 -14.80 30.54 5.58
CA THR A 115 -14.95 29.35 6.40
C THR A 115 -13.74 28.44 6.16
N PRO A 116 -13.07 27.97 7.22
CA PRO A 116 -11.93 27.08 7.01
C PRO A 116 -12.34 25.76 6.37
N ARG A 117 -11.42 25.23 5.55
CA ARG A 117 -11.53 23.88 5.05
C ARG A 117 -11.20 22.89 6.16
N THR A 118 -11.66 21.66 6.01
CA THR A 118 -11.03 20.56 6.68
C THR A 118 -11.21 19.33 5.80
N ILE A 119 -10.87 18.15 6.32
CA ILE A 119 -10.71 17.02 5.42
C ILE A 119 -12.05 16.55 4.87
N GLU A 120 -12.02 16.03 3.63
CA GLU A 120 -13.17 15.39 3.03
C GLU A 120 -13.48 14.05 3.67
N GLY A 121 -12.44 13.28 4.00
CA GLY A 121 -12.64 11.93 4.44
C GLY A 121 -13.03 11.07 3.25
N PRO A 122 -13.10 9.76 3.45
CA PRO A 122 -13.27 8.82 2.33
C PRO A 122 -14.71 8.41 2.03
N LEU A 123 -15.74 9.05 2.60
CA LEU A 123 -17.09 8.49 2.55
C LEU A 123 -18.09 9.37 1.80
N TYR A 124 -17.62 10.28 0.95
CA TYR A 124 -18.55 11.03 0.11
C TYR A 124 -19.20 10.12 -0.94
N VAL A 125 -20.45 10.42 -1.28
CA VAL A 125 -21.14 9.70 -2.36
C VAL A 125 -21.83 10.72 -3.27
N ALA A 126 -21.47 10.70 -4.55
CA ALA A 126 -22.04 11.65 -5.50
C ALA A 126 -23.48 11.28 -5.86
N GLY A 127 -24.26 12.30 -6.19
CA GLY A 127 -25.53 12.13 -6.87
C GLY A 127 -26.78 12.49 -6.07
N ALA A 128 -26.64 12.99 -4.85
CA ALA A 128 -27.82 13.33 -4.06
C ALA A 128 -28.71 14.29 -4.85
N PRO A 129 -30.03 14.07 -4.86
CA PRO A 129 -30.92 14.94 -5.66
C PRO A 129 -30.99 16.34 -5.07
N VAL A 130 -30.72 17.33 -5.91
CA VAL A 130 -30.60 18.71 -5.47
C VAL A 130 -31.99 19.26 -5.17
N ARG A 131 -32.27 19.52 -3.88
CA ARG A 131 -33.53 20.13 -3.48
C ARG A 131 -33.39 21.65 -3.46
N ASP A 132 -34.54 22.32 -3.41
CA ASP A 132 -34.57 23.78 -3.42
C ASP A 132 -34.61 24.31 -2.00
N GLY A 133 -33.51 24.90 -1.55
CA GLY A 133 -33.49 25.56 -0.25
C GLY A 133 -33.45 24.65 0.96
N VAL A 134 -34.19 23.54 0.94
CA VAL A 134 -34.31 22.68 2.12
C VAL A 134 -34.40 21.23 1.66
N ALA A 135 -33.65 20.35 2.33
CA ALA A 135 -33.68 18.93 2.05
C ALA A 135 -33.87 18.16 3.34
N LYS A 136 -34.83 17.24 3.34
CA LYS A 136 -34.94 16.26 4.40
C LYS A 136 -34.18 15.01 3.97
N ILE A 137 -33.18 14.60 4.74
CA ILE A 137 -32.23 13.60 4.26
C ILE A 137 -32.22 12.31 5.07
N ASP A 138 -32.95 12.21 6.17
CA ASP A 138 -33.03 10.93 6.88
C ASP A 138 -34.15 10.10 6.25
N LEU A 139 -33.77 9.17 5.37
CA LEU A 139 -34.77 8.31 4.75
C LEU A 139 -35.11 7.11 5.62
N ASP A 140 -34.14 6.62 6.40
CA ASP A 140 -34.28 5.39 7.16
C ASP A 140 -34.55 5.71 8.63
N ALA A 141 -35.40 4.91 9.26
CA ALA A 141 -35.69 5.07 10.67
C ALA A 141 -34.44 4.79 11.50
N ASP A 142 -34.23 5.60 12.53
CA ASP A 142 -33.10 5.42 13.46
C ASP A 142 -33.61 5.81 14.84
N GLU A 143 -34.04 4.82 15.63
CA GLU A 143 -34.57 5.11 16.97
C GLU A 143 -33.49 5.62 17.92
N GLY A 144 -32.22 5.57 17.54
CA GLY A 144 -31.18 6.07 18.40
C GLY A 144 -30.79 7.51 18.18
N ALA A 145 -31.42 8.21 17.23
CA ALA A 145 -31.02 9.57 16.87
C ALA A 145 -32.24 10.49 16.82
N GLY A 146 -32.15 11.60 17.54
CA GLY A 146 -33.19 12.61 17.49
C GLY A 146 -33.01 13.53 16.30
N PRO A 147 -34.03 14.33 16.03
CA PRO A 147 -33.97 15.22 14.86
C PRO A 147 -32.96 16.33 15.04
N LEU A 148 -32.35 16.72 13.92
CA LEU A 148 -31.35 17.78 13.89
C LEU A 148 -31.64 18.64 12.68
N VAL A 149 -31.76 19.96 12.88
CA VAL A 149 -31.90 20.91 11.78
C VAL A 149 -30.61 21.72 11.69
N ILE A 150 -30.05 21.77 10.48
CA ILE A 150 -28.84 22.54 10.18
C ILE A 150 -29.23 23.58 9.15
N HIS A 151 -28.95 24.85 9.44
CA HIS A 151 -29.42 25.89 8.54
C HIS A 151 -28.46 27.06 8.57
N GLY A 152 -28.40 27.78 7.46
CA GLY A 152 -27.52 28.94 7.40
C GLY A 152 -27.60 29.63 6.07
N THR A 153 -26.67 30.57 5.87
CA THR A 153 -26.56 31.32 4.64
CA THR A 153 -26.57 31.31 4.62
C THR A 153 -25.21 31.06 4.00
N VAL A 154 -25.18 31.06 2.66
CA VAL A 154 -23.94 31.01 1.91
C VAL A 154 -23.69 32.43 1.42
N THR A 155 -22.55 33.01 1.80
CA THR A 155 -22.16 34.34 1.37
C THR A 155 -20.73 34.29 0.84
N GLY A 156 -20.35 35.34 0.12
CA GLY A 156 -18.97 35.58 -0.22
C GLY A 156 -18.26 36.33 0.89
N LEU A 157 -17.02 36.74 0.59
CA LEU A 157 -16.24 37.45 1.60
C LEU A 157 -16.88 38.79 1.96
N ASP A 158 -17.63 39.38 1.03
CA ASP A 158 -18.30 40.66 1.25
C ASP A 158 -19.63 40.52 1.98
N GLY A 159 -20.04 39.31 2.34
CA GLY A 159 -21.28 39.14 3.09
C GLY A 159 -22.54 39.08 2.26
N LYS A 160 -22.44 39.17 0.93
CA LYS A 160 -23.65 39.10 0.12
C LYS A 160 -24.05 37.65 -0.12
N PRO A 161 -25.34 37.34 -0.07
CA PRO A 161 -25.77 35.95 -0.29
C PRO A 161 -25.39 35.48 -1.69
N VAL A 162 -25.02 34.21 -1.77
CA VAL A 162 -24.69 33.54 -3.02
C VAL A 162 -25.92 32.72 -3.42
N ALA A 163 -26.53 33.08 -4.54
CA ALA A 163 -27.66 32.33 -5.06
C ALA A 163 -27.15 31.23 -5.97
N GLY A 164 -27.85 30.09 -5.93
CA GLY A 164 -27.48 28.97 -6.77
C GLY A 164 -26.29 28.17 -6.28
N ALA A 165 -25.83 28.41 -5.06
CA ALA A 165 -24.80 27.57 -4.47
C ALA A 165 -25.35 26.17 -4.24
N LEU A 166 -24.51 25.15 -4.47
CA LEU A 166 -24.88 23.76 -4.20
C LEU A 166 -24.21 23.36 -2.90
N VAL A 167 -25.02 23.08 -1.88
CA VAL A 167 -24.52 22.64 -0.58
C VAL A 167 -24.85 21.16 -0.45
N GLU A 168 -23.83 20.33 -0.30
CA GLU A 168 -23.99 18.89 -0.11
C GLU A 168 -23.59 18.53 1.31
N CYS A 169 -24.30 17.58 1.89
CA CYS A 169 -24.16 17.22 3.29
C CYS A 169 -24.16 15.70 3.41
N TRP A 170 -23.23 15.14 4.20
CA TRP A 170 -23.33 13.71 4.51
C TRP A 170 -22.81 13.47 5.92
N HIS A 171 -23.36 12.45 6.60
CA HIS A 171 -22.98 12.16 7.97
C HIS A 171 -23.51 10.78 8.38
N ALA A 172 -23.09 10.34 9.56
CA ALA A 172 -23.39 9.00 10.06
C ALA A 172 -24.69 8.95 10.84
N ASN A 173 -25.18 7.72 11.02
CA ASN A 173 -26.35 7.44 11.83
C ASN A 173 -25.93 7.24 13.29
N SER A 174 -26.86 6.79 14.15
CA SER A 174 -26.55 6.69 15.57
C SER A 174 -25.64 5.53 15.91
N HIS A 175 -25.34 4.66 14.95
CA HIS A 175 -24.33 3.62 15.13
C HIS A 175 -22.99 4.04 14.57
N GLY A 176 -22.88 5.26 14.07
CA GLY A 176 -21.66 5.73 13.47
C GLY A 176 -21.42 5.27 12.05
N PHE A 177 -22.47 4.81 11.35
CA PHE A 177 -22.33 4.26 10.01
C PHE A 177 -22.97 5.17 8.96
N TYR A 178 -22.32 5.24 7.80
CA TYR A 178 -22.77 6.01 6.64
C TYR A 178 -23.47 5.11 5.64
N SER A 179 -24.48 5.67 4.96
CA SER A 179 -25.06 4.92 3.85
C SER A 179 -24.00 4.67 2.79
N HIS A 180 -24.10 3.50 2.15
CA HIS A 180 -23.19 2.90 1.16
CA HIS A 180 -23.16 2.98 1.15
C HIS A 180 -21.94 2.34 1.82
N PHE A 181 -21.75 2.51 3.13
CA PHE A 181 -20.55 2.00 3.83
C PHE A 181 -20.92 1.36 5.16
N ASP A 182 -22.16 0.88 5.31
CA ASP A 182 -22.63 0.35 6.58
C ASP A 182 -22.31 -1.13 6.67
N PRO A 183 -21.54 -1.58 7.65
CA PRO A 183 -21.19 -3.01 7.72
C PRO A 183 -22.29 -3.91 8.28
N THR A 184 -23.34 -3.35 8.90
CA THR A 184 -24.38 -4.16 9.52
C THR A 184 -25.60 -4.36 8.63
N GLY A 185 -25.56 -3.86 7.40
CA GLY A 185 -26.69 -4.00 6.50
C GLY A 185 -26.60 -2.97 5.39
N LYS A 186 -27.76 -2.70 4.80
CA LYS A 186 -27.85 -1.83 3.62
C LYS A 186 -28.83 -0.70 3.92
N GLN A 187 -28.32 0.52 3.97
CA GLN A 187 -29.15 1.72 4.11
C GLN A 187 -29.73 2.11 2.75
N SER A 188 -30.73 2.99 2.79
CA SER A 188 -31.25 3.55 1.56
C SER A 188 -30.16 4.36 0.87
N ASP A 189 -30.19 4.34 -0.47
CA ASP A 189 -29.32 5.24 -1.22
C ASP A 189 -29.54 6.67 -0.75
N PHE A 190 -28.45 7.35 -0.41
CA PHE A 190 -28.44 8.74 0.05
C PHE A 190 -29.11 8.93 1.42
N ASN A 191 -29.20 7.88 2.24
CA ASN A 191 -29.62 8.10 3.61
C ASN A 191 -28.61 8.99 4.31
N LEU A 192 -29.10 10.06 4.96
CA LEU A 192 -28.25 11.05 5.64
C LEU A 192 -27.27 11.71 4.68
N ARG A 193 -27.65 11.82 3.40
CA ARG A 193 -26.89 12.56 2.41
C ARG A 193 -27.85 13.47 1.64
N GLY A 194 -27.48 14.74 1.50
CA GLY A 194 -28.38 15.69 0.88
C GLY A 194 -27.65 16.64 -0.03
N ALA A 195 -28.43 17.33 -0.87
CA ALA A 195 -27.94 18.40 -1.72
C ALA A 195 -29.03 19.46 -1.77
N VAL A 196 -28.63 20.73 -1.63
CA VAL A 196 -29.55 21.86 -1.62
C VAL A 196 -28.98 22.94 -2.51
N LYS A 197 -29.82 23.51 -3.38
CA LYS A 197 -29.45 24.68 -4.17
C LYS A 197 -30.03 25.91 -3.48
N THR A 198 -29.17 26.89 -3.16
CA THR A 198 -29.69 28.10 -2.53
C THR A 198 -30.49 28.91 -3.52
N GLY A 199 -31.51 29.59 -3.01
CA GLY A 199 -32.21 30.62 -3.75
C GLY A 199 -31.51 31.96 -3.61
N ALA A 200 -32.25 33.01 -3.97
CA ALA A 200 -31.65 34.35 -4.02
C ALA A 200 -31.16 34.80 -2.66
N ASP A 201 -31.74 34.27 -1.58
CA ASP A 201 -31.36 34.67 -0.22
C ASP A 201 -30.14 33.91 0.30
N GLY A 202 -29.57 33.00 -0.48
CA GLY A 202 -28.40 32.25 -0.07
C GLY A 202 -28.62 31.27 1.06
N LYS A 203 -29.87 30.98 1.43
CA LYS A 203 -30.14 30.12 2.57
C LYS A 203 -30.20 28.65 2.17
N TYR A 204 -29.69 27.80 3.05
CA TYR A 204 -29.80 26.36 2.91
C TYR A 204 -30.33 25.80 4.22
N GLU A 205 -30.90 24.61 4.16
CA GLU A 205 -31.32 23.95 5.39
C GLU A 205 -31.37 22.45 5.15
N PHE A 206 -30.81 21.69 6.08
CA PHE A 206 -30.94 20.24 6.08
C PHE A 206 -31.74 19.82 7.30
N ARG A 207 -32.74 18.98 7.08
CA ARG A 207 -33.48 18.35 8.17
C ARG A 207 -33.03 16.91 8.22
N THR A 208 -32.46 16.50 9.35
CA THR A 208 -31.81 15.20 9.42
C THR A 208 -31.93 14.67 10.85
N LEU A 209 -31.06 13.73 11.19
CA LEU A 209 -30.96 13.17 12.53
C LEU A 209 -29.56 13.40 13.06
N MET A 210 -29.41 13.34 14.39
CA MET A 210 -28.13 13.67 15.00
C MET A 210 -27.12 12.56 14.77
N PRO A 211 -25.92 12.87 14.26
CA PRO A 211 -24.91 11.81 14.10
C PRO A 211 -24.24 11.44 15.41
N VAL A 212 -23.71 10.22 15.43
CA VAL A 212 -22.78 9.76 16.46
C VAL A 212 -21.40 9.60 15.81
N GLY A 213 -20.35 9.73 16.62
CA GLY A 213 -19.00 9.67 16.09
C GLY A 213 -18.68 8.34 15.41
N TYR A 214 -17.70 8.39 14.52
CA TYR A 214 -17.29 7.27 13.69
C TYR A 214 -16.14 6.49 14.33
N GLY A 215 -16.09 5.19 14.06
CA GLY A 215 -14.94 4.39 14.48
C GLY A 215 -14.46 3.49 13.36
N CYS A 216 -13.14 3.33 13.23
CA CYS A 216 -12.60 2.48 12.17
C CYS A 216 -13.11 1.04 12.31
N PRO A 217 -13.28 0.32 11.20
CA PRO A 217 -13.64 -1.11 11.26
C PRO A 217 -12.67 -1.85 12.17
N PRO A 218 -13.19 -2.49 13.23
CA PRO A 218 -12.29 -3.05 14.26
C PRO A 218 -11.29 -4.05 13.73
N GLN A 219 -11.64 -4.87 12.74
CA GLN A 219 -10.75 -5.89 12.21
CA GLN A 219 -10.72 -5.86 12.24
C GLN A 219 -10.03 -5.45 10.94
N GLY A 220 -10.20 -4.19 10.53
CA GLY A 220 -9.57 -3.71 9.32
C GLY A 220 -8.14 -3.26 9.53
N ALA A 221 -7.46 -3.05 8.40
CA ALA A 221 -6.04 -2.75 8.39
C ALA A 221 -5.73 -1.46 9.14
N THR A 222 -6.58 -0.44 9.01
CA THR A 222 -6.28 0.82 9.66
C THR A 222 -6.23 0.66 11.17
N GLN A 223 -7.28 0.08 11.76
CA GLN A 223 -7.29 -0.13 13.20
C GLN A 223 -6.20 -1.10 13.63
N GLN A 224 -5.85 -2.08 12.77
CA GLN A 224 -4.75 -2.97 13.12
C GLN A 224 -3.47 -2.18 13.34
N LEU A 225 -3.16 -1.24 12.43
CA LEU A 225 -1.93 -0.48 12.60
C LEU A 225 -2.06 0.50 13.74
N LEU A 226 -3.21 1.17 13.87
CA LEU A 226 -3.42 2.08 14.99
C LEU A 226 -3.26 1.35 16.31
N ASP A 227 -3.84 0.16 16.42
CA ASP A 227 -3.65 -0.67 17.61
C ASP A 227 -2.16 -0.88 17.87
N ARG A 228 -1.38 -1.16 16.83
CA ARG A 228 0.03 -1.41 17.04
C ARG A 228 0.77 -0.15 17.46
N LEU A 229 0.25 1.01 17.06
CA LEU A 229 0.83 2.29 17.46
C LEU A 229 0.32 2.77 18.81
N GLY A 230 -0.65 2.08 19.40
CA GLY A 230 -1.23 2.48 20.67
C GLY A 230 -2.25 3.59 20.55
N ARG A 231 -2.96 3.68 19.42
CA ARG A 231 -3.85 4.78 19.14
C ARG A 231 -5.28 4.27 18.92
N HIS A 232 -6.27 5.10 19.28
CA HIS A 232 -7.64 4.73 18.94
C HIS A 232 -7.95 5.17 17.51
N GLY A 233 -9.05 4.66 16.98
CA GLY A 233 -9.44 5.06 15.63
C GLY A 233 -10.80 5.73 15.57
N ASN A 234 -11.09 6.62 16.51
CA ASN A 234 -12.41 7.22 16.61
C ASN A 234 -12.42 8.70 16.22
N ARG A 235 -13.55 9.13 15.67
CA ARG A 235 -13.82 10.53 15.38
C ARG A 235 -14.98 11.03 16.24
N PRO A 236 -14.95 12.29 16.64
CA PRO A 236 -16.16 12.90 17.23
C PRO A 236 -17.29 12.90 16.23
N ALA A 237 -18.53 13.06 16.75
CA ALA A 237 -19.68 13.23 15.87
C ALA A 237 -19.51 14.50 15.04
N HIS A 238 -19.84 14.41 13.75
CA HIS A 238 -19.58 15.51 12.82
C HIS A 238 -20.47 15.39 11.59
N VAL A 239 -20.44 16.44 10.78
CA VAL A 239 -21.21 16.51 9.54
C VAL A 239 -20.30 17.11 8.48
N HIS A 240 -20.32 16.52 7.28
CA HIS A 240 -19.49 16.95 6.16
C HIS A 240 -20.25 17.89 5.23
N PHE A 241 -19.52 18.80 4.58
CA PHE A 241 -20.13 19.64 3.56
C PHE A 241 -19.19 19.86 2.39
N PHE A 242 -19.79 19.87 1.20
CA PHE A 242 -19.24 20.52 0.02
C PHE A 242 -20.09 21.75 -0.26
N VAL A 243 -19.46 22.85 -0.68
CA VAL A 243 -20.20 23.99 -1.22
C VAL A 243 -19.59 24.35 -2.56
N THR A 244 -20.37 24.19 -3.63
CA THR A 244 -19.94 24.41 -5.00
C THR A 244 -20.74 25.57 -5.59
N SER A 245 -20.05 26.55 -6.16
CA SER A 245 -20.70 27.73 -6.70
CA SER A 245 -20.72 27.70 -6.74
C SER A 245 -19.88 28.24 -7.89
N ASP A 246 -20.60 28.70 -8.93
CA ASP A 246 -19.95 29.04 -10.20
C ASP A 246 -18.86 30.09 -10.04
N GLY A 247 -19.00 31.02 -9.10
CA GLY A 247 -18.03 32.08 -8.96
C GLY A 247 -17.09 31.95 -7.78
N HIS A 248 -17.06 30.80 -7.12
CA HIS A 248 -16.27 30.66 -5.91
C HIS A 248 -15.51 29.34 -5.94
N ARG A 249 -14.47 29.27 -5.12
CA ARG A 249 -13.76 28.02 -5.00
C ARG A 249 -14.62 27.00 -4.26
N LYS A 250 -14.45 25.71 -4.60
CA LYS A 250 -15.23 24.68 -3.94
C LYS A 250 -14.73 24.50 -2.51
N LEU A 251 -15.64 24.64 -1.54
CA LEU A 251 -15.30 24.52 -0.13
C LEU A 251 -15.56 23.09 0.33
N THR A 252 -14.54 22.45 0.89
CA THR A 252 -14.68 21.18 1.59
C THR A 252 -14.53 21.45 3.08
N THR A 253 -15.53 21.12 3.88
CA THR A 253 -15.42 21.40 5.30
C THR A 253 -16.31 20.44 6.08
N GLN A 254 -16.37 20.66 7.40
CA GLN A 254 -17.21 19.90 8.31
C GLN A 254 -17.52 20.79 9.49
N PHE A 255 -18.45 20.35 10.34
CA PHE A 255 -18.39 20.82 11.71
C PHE A 255 -18.56 19.64 12.65
N ASN A 256 -18.06 19.83 13.87
CA ASN A 256 -18.21 18.88 14.95
C ASN A 256 -19.40 19.23 15.81
N ILE A 257 -20.06 18.21 16.34
CA ILE A 257 -21.17 18.41 17.27
C ILE A 257 -20.61 18.90 18.60
N GLU A 258 -21.10 20.06 19.07
CA GLU A 258 -20.62 20.65 20.32
C GLU A 258 -20.72 19.65 21.47
N GLY A 259 -19.67 19.60 22.29
CA GLY A 259 -19.66 18.81 23.49
C GLY A 259 -19.20 17.37 23.33
N ASP A 260 -18.87 16.95 22.11
CA ASP A 260 -18.38 15.60 21.93
C ASP A 260 -17.03 15.44 22.63
N PRO A 261 -16.88 14.44 23.50
CA PRO A 261 -15.61 14.30 24.23
C PRO A 261 -14.42 14.00 23.34
N LEU A 262 -14.64 13.63 22.07
CA LEU A 262 -13.54 13.35 21.17
C LEU A 262 -13.18 14.53 20.27
N ILE A 263 -13.75 15.70 20.52
CA ILE A 263 -13.46 16.84 19.64
C ILE A 263 -11.97 17.12 19.59
N TRP A 264 -11.30 17.08 20.76
CA TRP A 264 -9.87 17.35 20.80
C TRP A 264 -9.03 16.08 20.82
N ASP A 265 -9.59 14.97 20.32
CA ASP A 265 -8.87 13.69 20.24
C ASP A 265 -9.36 12.92 19.00
N ASP A 266 -9.38 13.59 17.87
CA ASP A 266 -9.85 13.04 16.61
C ASP A 266 -8.73 12.23 15.97
N PHE A 267 -8.98 10.95 15.65
CA PHE A 267 -7.92 10.15 15.06
C PHE A 267 -7.52 10.61 13.66
N ALA A 268 -8.34 11.47 13.02
CA ALA A 268 -8.02 12.01 11.70
C ALA A 268 -7.63 13.48 11.74
N TYR A 269 -7.49 14.08 12.92
CA TYR A 269 -6.82 15.39 13.07
C TYR A 269 -7.57 16.51 12.33
N ALA A 270 -8.88 16.38 12.21
CA ALA A 270 -9.65 17.28 11.35
C ALA A 270 -10.42 18.35 12.12
N THR A 271 -10.37 18.34 13.44
CA THR A 271 -11.10 19.35 14.22
C THR A 271 -10.44 20.71 14.08
N ARG A 272 -11.27 21.75 13.88
CA ARG A 272 -10.81 23.13 13.83
C ARG A 272 -11.70 23.96 14.74
N GLU A 273 -11.11 24.94 15.42
CA GLU A 273 -11.87 25.60 16.47
C GLU A 273 -12.97 26.48 15.90
N GLU A 274 -12.87 26.86 14.62
CA GLU A 274 -13.94 27.60 13.95
C GLU A 274 -15.08 26.71 13.48
N LEU A 275 -14.95 25.39 13.64
CA LEU A 275 -15.92 24.43 13.11
C LEU A 275 -16.61 23.67 14.24
N ILE A 276 -16.97 24.37 15.32
CA ILE A 276 -17.71 23.76 16.43
C ILE A 276 -18.84 24.73 16.80
N PRO A 277 -19.90 24.80 16.02
CA PRO A 277 -20.94 25.81 16.27
C PRO A 277 -21.82 25.41 17.43
N PRO A 278 -22.48 26.38 18.07
CA PRO A 278 -23.43 26.06 19.14
C PRO A 278 -24.59 25.18 18.65
N VAL A 279 -25.03 24.29 19.52
CA VAL A 279 -26.24 23.49 19.32
C VAL A 279 -27.28 24.01 20.31
N THR A 280 -28.50 24.29 19.83
CA THR A 280 -29.56 24.76 20.71
C THR A 280 -30.79 23.87 20.58
N ALA A 281 -31.49 23.65 21.70
CA ALA A 281 -32.72 22.87 21.69
C ALA A 281 -33.89 23.73 21.26
N LYS A 282 -34.73 23.18 20.38
CA LYS A 282 -35.90 23.90 19.89
C LYS A 282 -37.12 23.00 19.94
N ALA A 283 -38.29 23.61 19.78
CA ALA A 283 -39.54 22.88 19.58
C ALA A 283 -40.15 23.29 18.25
N GLY A 284 -41.16 22.54 17.83
CA GLY A 284 -41.89 22.83 16.62
C GLY A 284 -41.49 22.03 15.42
N GLY A 285 -41.00 20.80 15.60
CA GLY A 285 -40.51 20.01 14.49
C GLY A 285 -41.59 19.51 13.56
N ALA A 286 -42.82 19.34 14.06
CA ALA A 286 -43.87 18.80 13.22
C ALA A 286 -44.10 19.65 11.98
N ALA A 287 -44.10 20.98 12.13
CA ALA A 287 -44.33 21.85 10.99
C ALA A 287 -43.17 21.84 10.01
N LEU A 288 -42.00 21.39 10.45
CA LEU A 288 -40.84 21.22 9.59
C LEU A 288 -40.77 19.83 8.97
N GLY A 289 -41.74 18.96 9.28
CA GLY A 289 -41.71 17.60 8.80
C GLY A 289 -40.84 16.65 9.61
N LEU A 290 -40.40 17.06 10.79
CA LEU A 290 -39.54 16.22 11.60
C LEU A 290 -40.35 15.16 12.32
N LYS A 291 -39.67 14.06 12.68
CA LYS A 291 -40.36 12.94 13.33
C LYS A 291 -40.77 13.25 14.75
N ALA A 292 -40.26 14.33 15.33
CA ALA A 292 -40.61 14.70 16.69
C ALA A 292 -40.75 16.21 16.77
N ASP A 293 -41.45 16.66 17.81
CA ASP A 293 -41.65 18.08 18.04
C ASP A 293 -40.37 18.75 18.52
N ALA A 294 -39.69 18.12 19.48
CA ALA A 294 -38.42 18.64 19.98
C ALA A 294 -37.28 18.24 19.07
N TYR A 295 -36.37 19.17 18.82
CA TYR A 295 -35.24 18.87 17.96
C TYR A 295 -34.06 19.75 18.37
N GLN A 296 -32.89 19.38 17.86
CA GLN A 296 -31.68 20.17 18.06
C GLN A 296 -31.40 20.96 16.79
N ASP A 297 -30.86 22.17 16.97
CA ASP A 297 -30.75 23.13 15.88
C ASP A 297 -29.34 23.68 15.84
N ILE A 298 -28.78 23.78 14.65
CA ILE A 298 -27.44 24.32 14.45
C ILE A 298 -27.52 25.36 13.33
N GLU A 299 -27.16 26.59 13.66
CA GLU A 299 -27.00 27.62 12.65
C GLU A 299 -25.54 27.60 12.21
N PHE A 300 -25.30 27.45 10.91
CA PHE A 300 -23.93 27.43 10.41
C PHE A 300 -23.89 28.07 9.03
N ASN A 301 -23.14 29.16 8.91
CA ASN A 301 -23.05 29.94 7.68
C ASN A 301 -21.77 29.59 6.97
N PHE A 302 -21.82 29.59 5.64
CA PHE A 302 -20.65 29.30 4.81
C PHE A 302 -20.22 30.61 4.17
N VAL A 303 -18.97 30.97 4.40
CA VAL A 303 -18.36 32.13 3.76
C VAL A 303 -17.37 31.57 2.75
N LEU A 304 -17.67 31.77 1.46
CA LEU A 304 -16.87 31.24 0.37
C LEU A 304 -15.76 32.21 0.01
N THR A 305 -14.76 31.69 -0.70
CA THR A 305 -13.73 32.55 -1.25
C THR A 305 -13.86 32.57 -2.78
N PRO A 306 -13.45 33.65 -3.43
CA PRO A 306 -13.68 33.78 -4.87
C PRO A 306 -12.69 32.96 -5.68
N ARG A 307 -13.08 32.67 -6.92
CA ARG A 307 -12.10 32.13 -7.84
CA ARG A 307 -12.13 32.14 -7.87
C ARG A 307 -11.18 33.24 -8.33
N VAL A 308 -10.02 32.83 -8.83
CA VAL A 308 -9.02 33.74 -9.35
C VAL A 308 -8.94 33.51 -10.85
N GLU A 309 -9.26 34.54 -11.64
CA GLU A 309 -9.36 34.41 -13.10
C GLU A 309 -10.29 33.25 -13.47
N GLY A 310 -11.37 33.10 -12.71
CA GLY A 310 -12.32 32.03 -12.96
C GLY A 310 -11.80 30.64 -12.71
N LYS A 311 -10.67 30.49 -12.04
CA LYS A 311 -10.09 29.17 -11.77
C LYS A 311 -10.18 28.82 -10.29
N ASP A 312 -10.31 27.53 -10.01
CA ASP A 312 -10.26 26.97 -8.66
C ASP A 312 -9.07 26.03 -8.59
N ASN A 313 -7.95 26.52 -8.06
CA ASN A 313 -6.71 25.75 -8.00
C ASN A 313 -6.56 24.99 -6.70
N GLN A 314 -7.63 24.81 -5.93
CA GLN A 314 -7.56 23.96 -4.75
C GLN A 314 -8.59 22.84 -4.78
N ILE A 315 -9.44 22.77 -5.79
CA ILE A 315 -10.36 21.66 -5.91
C ILE A 315 -9.57 20.37 -6.09
N VAL A 316 -10.05 19.30 -5.47
CA VAL A 316 -9.33 18.03 -5.42
C VAL A 316 -10.12 16.98 -6.20
N GLU A 317 -9.44 16.27 -7.10
CA GLU A 317 -10.03 15.13 -7.79
C GLU A 317 -9.48 13.85 -7.16
N ARG A 318 -10.39 13.03 -6.64
CA ARG A 318 -10.03 11.72 -6.11
C ARG A 318 -11.18 10.78 -6.39
N LEU A 319 -10.89 9.48 -6.33
CA LEU A 319 -11.93 8.48 -6.54
CA LEU A 319 -11.93 8.48 -6.54
C LEU A 319 -13.05 8.70 -5.53
N ARG A 320 -14.28 8.76 -6.02
CA ARG A 320 -15.42 8.93 -5.14
C ARG A 320 -16.57 8.03 -5.59
N ALA A 321 -17.26 7.45 -4.61
CA ALA A 321 -18.46 6.68 -4.86
C ALA A 321 -19.58 7.57 -5.42
N SER A 322 -20.49 6.92 -6.14
CA SER A 322 -21.68 7.56 -6.65
C SER A 322 -22.82 6.58 -6.58
N ALA A 323 -24.04 7.10 -6.51
CA ALA A 323 -25.24 6.29 -6.52
C ALA A 323 -26.31 7.01 -7.30
N HIS B 5 -2.11 22.97 -12.94
CA HIS B 5 -1.89 22.86 -14.38
C HIS B 5 -0.80 23.83 -14.82
N HIS B 6 -0.83 25.05 -14.27
CA HIS B 6 0.26 26.01 -14.40
C HIS B 6 1.21 25.86 -13.21
N HIS B 7 2.51 25.95 -13.48
CA HIS B 7 3.50 25.75 -12.42
C HIS B 7 3.50 26.91 -11.43
N HIS B 8 3.61 26.59 -10.15
CA HIS B 8 3.85 27.60 -9.10
C HIS B 8 4.87 27.05 -8.13
N MET B 9 5.43 27.94 -7.31
CA MET B 9 6.41 27.51 -6.30
C MET B 9 5.72 26.76 -5.16
N SER B 10 6.36 25.68 -4.71
CA SER B 10 5.86 24.98 -3.53
C SER B 10 5.89 25.90 -2.32
N VAL B 11 4.81 25.88 -1.54
CA VAL B 11 4.81 26.53 -0.24
C VAL B 11 5.26 25.49 0.79
N LYS B 12 6.29 25.82 1.55
CA LYS B 12 6.98 24.84 2.38
C LYS B 12 6.45 24.90 3.81
N VAL B 13 6.00 23.75 4.33
CA VAL B 13 5.42 23.72 5.68
C VAL B 13 6.08 22.68 6.57
N PHE B 14 6.98 21.86 6.03
CA PHE B 14 7.37 20.66 6.77
C PHE B 14 8.03 21.01 8.11
N ASP B 15 8.85 22.05 8.14
CA ASP B 15 9.58 22.35 9.37
C ASP B 15 8.74 23.07 10.41
N THR B 16 7.48 23.38 10.11
CA THR B 16 6.65 24.07 11.09
C THR B 16 6.34 23.17 12.27
N LYS B 17 6.10 23.80 13.43
CA LYS B 17 5.78 23.05 14.64
C LYS B 17 4.48 22.27 14.47
N GLU B 18 3.52 22.80 13.71
CA GLU B 18 2.26 22.08 13.53
C GLU B 18 2.48 20.76 12.81
N VAL B 19 3.31 20.77 11.77
CA VAL B 19 3.58 19.52 11.04
C VAL B 19 4.39 18.55 11.91
N GLN B 20 5.39 19.05 12.63
CA GLN B 20 6.15 18.16 13.51
C GLN B 20 5.29 17.60 14.64
N ASP B 21 4.37 18.42 15.17
CA ASP B 21 3.45 17.91 16.18
C ASP B 21 2.53 16.85 15.60
N LEU B 22 2.11 17.06 14.35
CA LEU B 22 1.22 16.11 13.71
C LEU B 22 1.91 14.77 13.48
N LEU B 23 3.16 14.81 13.02
CA LEU B 23 3.92 13.57 12.83
C LEU B 23 4.09 12.80 14.13
N LYS B 24 4.37 13.50 15.22
CA LYS B 24 4.58 12.80 16.50
C LYS B 24 3.26 12.21 17.00
N ALA B 25 2.16 12.92 16.78
CA ALA B 25 0.86 12.40 17.21
C ALA B 25 0.47 11.18 16.38
N ALA B 26 0.67 11.25 15.06
CA ALA B 26 0.16 10.19 14.19
C ALA B 26 0.95 8.92 14.35
N SER B 27 2.26 9.03 14.58
CA SER B 27 3.10 7.88 14.82
C SER B 27 3.10 7.45 16.28
N ASN B 28 2.63 8.33 17.18
CA ASN B 28 2.68 8.10 18.63
C ASN B 28 4.10 7.84 19.10
N ALA B 29 5.05 8.52 18.48
CA ALA B 29 6.46 8.31 18.78
C ALA B 29 6.85 9.01 20.07
N GLY B 30 7.76 8.39 20.81
CA GLY B 30 8.15 8.89 22.11
C GLY B 30 7.12 8.55 23.16
N ALA B 39 0.88 2.34 25.87
CA ALA B 39 0.64 1.26 24.93
C ALA B 39 1.18 1.59 23.55
N GLY B 40 1.27 0.55 22.72
CA GLY B 40 1.87 0.72 21.43
C GLY B 40 3.25 0.08 21.39
N ASN B 41 3.61 -0.40 20.22
CA ASN B 41 4.90 -1.03 19.97
C ASN B 41 5.91 0.04 19.58
N ALA B 42 6.95 0.21 20.40
CA ALA B 42 7.89 1.31 20.19
C ALA B 42 8.60 1.21 18.83
N ARG B 43 8.98 0.00 18.43
CA ARG B 43 9.68 -0.16 17.15
C ARG B 43 8.80 0.26 15.98
N THR B 44 7.51 -0.10 16.01
CA THR B 44 6.59 0.30 14.94
C THR B 44 6.38 1.81 14.94
N GLN B 45 6.27 2.41 16.13
CA GLN B 45 6.13 3.87 16.22
C GLN B 45 7.34 4.56 15.60
N GLN B 46 8.54 4.06 15.91
CA GLN B 46 9.78 4.63 15.36
C GLN B 46 9.80 4.53 13.84
N ILE B 47 9.51 3.35 13.29
CA ILE B 47 9.53 3.19 11.85
C ILE B 47 8.49 4.08 11.19
N VAL B 48 7.27 4.08 11.73
CA VAL B 48 6.19 4.89 11.14
C VAL B 48 6.55 6.37 11.19
N HIS B 49 7.09 6.83 12.32
CA HIS B 49 7.46 8.25 12.40
C HIS B 49 8.46 8.63 11.31
N ARG B 50 9.43 7.75 11.05
CA ARG B 50 10.44 8.08 10.05
C ARG B 50 9.86 8.04 8.65
N LEU B 51 9.09 7.00 8.32
CA LEU B 51 8.56 6.88 6.97
C LEU B 51 7.52 7.95 6.68
N LEU B 52 6.65 8.21 7.66
CA LEU B 52 5.64 9.25 7.48
C LEU B 52 6.28 10.63 7.36
N GLY B 53 7.29 10.92 8.19
CA GLY B 53 8.02 12.17 8.06
C GLY B 53 8.70 12.31 6.71
N ASP B 54 9.29 11.22 6.22
CA ASP B 54 9.95 11.27 4.92
C ASP B 54 8.93 11.52 3.81
N LEU B 55 7.76 10.90 3.93
CA LEU B 55 6.71 11.14 2.94
C LEU B 55 6.26 12.60 2.97
N PHE B 56 5.95 13.12 4.17
CA PHE B 56 5.55 14.52 4.28
C PHE B 56 6.60 15.45 3.69
N LYS B 57 7.89 15.17 3.96
CA LYS B 57 8.95 16.04 3.47
C LYS B 57 9.07 15.96 1.96
N ALA B 58 8.89 14.76 1.40
CA ALA B 58 8.94 14.60 -0.06
C ALA B 58 7.76 15.30 -0.73
N ILE B 59 6.58 15.27 -0.11
CA ILE B 59 5.44 16.02 -0.63
C ILE B 59 5.75 17.52 -0.65
N ASP B 60 6.35 18.02 0.45
CA ASP B 60 6.74 19.42 0.50
C ASP B 60 7.77 19.74 -0.59
N ASP B 61 8.81 18.91 -0.71
CA ASP B 61 9.93 19.24 -1.60
C ASP B 61 9.51 19.23 -3.07
N LEU B 62 8.77 18.20 -3.46
CA LEU B 62 8.37 18.03 -4.86
C LEU B 62 7.01 18.66 -5.16
N ASP B 63 6.37 19.29 -4.17
CA ASP B 63 5.02 19.85 -4.29
C ASP B 63 4.05 18.81 -4.87
N ILE B 64 4.00 17.67 -4.20
CA ILE B 64 3.08 16.61 -4.62
C ILE B 64 1.66 17.04 -4.30
N THR B 65 0.86 17.22 -5.34
CA THR B 65 -0.48 17.80 -5.17
C THR B 65 -1.42 16.79 -4.53
N PRO B 66 -2.49 17.27 -3.90
CA PRO B 66 -3.51 16.33 -3.40
C PRO B 66 -4.00 15.35 -4.47
N ASP B 67 -4.24 15.82 -5.70
CA ASP B 67 -4.62 14.89 -6.76
C ASP B 67 -3.59 13.78 -6.90
N GLU B 68 -2.31 14.13 -6.87
CA GLU B 68 -1.26 13.12 -6.99
C GLU B 68 -1.24 12.20 -5.77
N VAL B 69 -1.45 12.76 -4.58
CA VAL B 69 -1.43 11.93 -3.38
C VAL B 69 -2.58 10.93 -3.41
N TRP B 70 -3.79 11.39 -3.75
CA TRP B 70 -4.93 10.48 -3.79
C TRP B 70 -4.79 9.44 -4.90
N ALA B 71 -4.17 9.79 -6.01
CA ALA B 71 -3.88 8.79 -7.02
C ALA B 71 -2.96 7.71 -6.42
N GLY B 72 -1.99 8.12 -5.62
CA GLY B 72 -1.12 7.15 -4.98
C GLY B 72 -1.84 6.32 -3.93
N VAL B 73 -2.69 6.96 -3.13
CA VAL B 73 -3.48 6.25 -2.13
C VAL B 73 -4.41 5.25 -2.78
N ASN B 74 -5.11 5.66 -3.85
CA ASN B 74 -6.00 4.72 -4.52
C ASN B 74 -5.23 3.65 -5.29
N TYR B 75 -4.00 3.95 -5.71
CA TYR B 75 -3.15 2.91 -6.27
C TYR B 75 -2.89 1.81 -5.24
N LEU B 76 -2.69 2.19 -3.98
CA LEU B 76 -2.43 1.18 -2.95
C LEU B 76 -3.65 0.28 -2.76
N ASN B 77 -4.85 0.83 -2.89
CA ASN B 77 -6.05 0.00 -2.80
C ASN B 77 -6.04 -1.05 -3.90
N LYS B 78 -5.76 -0.63 -5.15
CA LYS B 78 -5.69 -1.58 -6.25
C LYS B 78 -4.56 -2.59 -6.05
N LEU B 79 -3.42 -2.13 -5.52
CA LEU B 79 -2.27 -3.02 -5.34
C LEU B 79 -2.60 -4.17 -4.39
N GLY B 80 -3.33 -3.88 -3.32
CA GLY B 80 -3.75 -4.88 -2.36
C GLY B 80 -4.92 -5.72 -2.85
N GLN B 81 -5.88 -5.10 -3.54
CA GLN B 81 -6.94 -5.88 -4.17
C GLN B 81 -6.37 -6.89 -5.15
N ASP B 82 -5.30 -6.50 -5.86
CA ASP B 82 -4.64 -7.41 -6.79
C ASP B 82 -3.80 -8.46 -6.07
N GLY B 83 -3.48 -8.23 -4.80
CA GLY B 83 -2.58 -9.09 -4.06
C GLY B 83 -1.12 -8.99 -4.46
N GLU B 84 -0.68 -7.81 -4.92
CA GLU B 84 0.56 -7.69 -5.66
C GLU B 84 1.65 -6.90 -4.94
N ALA B 85 1.46 -6.55 -3.66
CA ALA B 85 2.45 -5.72 -2.99
C ALA B 85 3.85 -6.35 -3.03
N ALA B 86 3.94 -7.68 -2.85
CA ALA B 86 5.24 -8.33 -2.90
C ALA B 86 5.80 -8.36 -4.31
N LEU B 87 4.93 -8.38 -5.32
CA LEU B 87 5.40 -8.30 -6.70
C LEU B 87 6.00 -6.92 -6.99
N LEU B 88 5.38 -5.86 -6.48
CA LEU B 88 5.96 -4.54 -6.64
C LEU B 88 7.25 -4.40 -5.83
N ALA B 89 7.31 -5.01 -4.65
CA ALA B 89 8.54 -4.94 -3.86
C ALA B 89 9.71 -5.51 -4.64
N ALA B 90 9.47 -6.58 -5.40
CA ALA B 90 10.51 -7.11 -6.29
C ALA B 90 10.76 -6.15 -7.44
N GLY B 91 9.69 -5.66 -8.07
CA GLY B 91 9.84 -4.84 -9.26
C GLY B 91 10.50 -3.51 -9.02
N LEU B 92 10.34 -2.94 -7.83
CA LEU B 92 11.01 -1.69 -7.50
C LEU B 92 12.39 -1.93 -6.88
N GLY B 93 12.87 -3.17 -6.90
CA GLY B 93 14.20 -3.45 -6.40
C GLY B 93 14.31 -3.47 -4.89
N LEU B 94 13.19 -3.35 -4.18
CA LEU B 94 13.24 -3.44 -2.73
C LEU B 94 13.70 -4.82 -2.28
N GLU B 95 13.24 -5.87 -2.96
CA GLU B 95 13.64 -7.22 -2.57
C GLU B 95 15.14 -7.43 -2.81
N LYS B 96 15.65 -6.93 -3.93
CA LYS B 96 17.09 -6.95 -4.18
C LYS B 96 17.83 -6.14 -3.11
N TYR B 97 17.26 -5.00 -2.71
CA TYR B 97 17.93 -4.18 -1.70
C TYR B 97 18.17 -4.99 -0.42
N LEU B 98 17.20 -5.80 -0.02
CA LEU B 98 17.38 -6.59 1.19
C LEU B 98 18.55 -7.55 1.05
N ASP B 99 18.76 -8.10 -0.16
CA ASP B 99 19.91 -8.98 -0.38
C ASP B 99 21.22 -8.21 -0.33
N ILE B 100 21.22 -6.98 -0.87
CA ILE B 100 22.43 -6.14 -0.82
C ILE B 100 22.85 -5.90 0.61
N ARG B 101 21.89 -5.59 1.49
CA ARG B 101 22.23 -5.38 2.89
C ARG B 101 22.70 -6.67 3.56
N MET B 102 22.03 -7.81 3.28
CA MET B 102 22.47 -9.08 3.86
C MET B 102 23.84 -9.46 3.33
N ASP B 103 24.09 -9.22 2.05
CA ASP B 103 25.41 -9.48 1.48
C ASP B 103 26.47 -8.64 2.16
N ALA B 104 26.19 -7.36 2.41
CA ALA B 104 27.18 -6.52 3.07
C ALA B 104 27.46 -6.98 4.49
N GLU B 105 26.44 -7.50 5.19
CA GLU B 105 26.66 -8.06 6.52
CA GLU B 105 26.65 -8.08 6.51
C GLU B 105 27.59 -9.26 6.44
N ASP B 106 27.35 -10.17 5.49
CA ASP B 106 28.18 -11.35 5.31
C ASP B 106 29.62 -10.97 4.97
N GLU B 107 29.80 -9.92 4.16
CA GLU B 107 31.13 -9.49 3.79
C GLU B 107 31.91 -8.99 5.01
N ALA B 108 31.21 -8.32 5.94
CA ALA B 108 31.89 -7.76 7.10
C ALA B 108 32.36 -8.86 8.04
N ILE B 109 31.63 -9.97 8.12
CA ILE B 109 32.00 -11.05 9.02
C ILE B 109 32.68 -12.21 8.29
N GLY B 110 32.94 -12.08 6.99
CA GLY B 110 33.64 -13.12 6.27
C GLY B 110 32.80 -14.36 5.99
N LEU B 111 31.49 -14.20 5.83
CA LEU B 111 30.59 -15.30 5.49
C LEU B 111 30.09 -15.22 4.05
N ASP B 112 30.90 -14.70 3.13
CA ASP B 112 30.45 -14.43 1.77
C ASP B 112 31.09 -15.37 0.74
N GLY B 113 31.46 -16.58 1.15
CA GLY B 113 32.15 -17.45 0.22
C GLY B 113 31.35 -18.60 -0.35
N GLY B 114 30.10 -18.76 0.05
CA GLY B 114 29.27 -19.82 -0.48
C GLY B 114 28.61 -19.43 -1.78
N THR B 115 27.71 -20.30 -2.23
CA THR B 115 26.80 -19.93 -3.31
C THR B 115 26.09 -18.63 -2.94
N PRO B 116 26.03 -17.65 -3.85
CA PRO B 116 25.38 -16.39 -3.51
C PRO B 116 23.88 -16.54 -3.34
N ARG B 117 23.32 -15.73 -2.44
CA ARG B 117 21.88 -15.63 -2.34
C ARG B 117 21.34 -14.81 -3.52
N THR B 118 20.06 -15.02 -3.82
CA THR B 118 19.32 -13.99 -4.54
C THR B 118 17.85 -14.06 -4.09
N ILE B 119 16.98 -13.29 -4.73
CA ILE B 119 15.69 -13.06 -4.11
C ILE B 119 14.84 -14.32 -4.12
N GLU B 120 13.93 -14.39 -3.14
CA GLU B 120 13.00 -15.50 -3.06
C GLU B 120 11.88 -15.35 -4.08
N GLY B 121 11.42 -14.13 -4.31
CA GLY B 121 10.25 -13.93 -5.11
C GLY B 121 9.02 -14.25 -4.28
N PRO B 122 7.83 -13.97 -4.81
CA PRO B 122 6.58 -14.15 -4.05
C PRO B 122 5.85 -15.47 -4.29
N LEU B 123 6.46 -16.45 -4.95
CA LEU B 123 5.71 -17.60 -5.46
C LEU B 123 6.13 -18.92 -4.84
N TYR B 124 6.72 -18.91 -3.66
CA TYR B 124 7.05 -20.16 -2.98
C TYR B 124 5.80 -20.78 -2.39
N VAL B 125 5.71 -22.11 -2.44
CA VAL B 125 4.61 -22.85 -1.82
C VAL B 125 5.19 -23.93 -0.91
N ALA B 126 4.82 -23.89 0.36
CA ALA B 126 5.33 -24.85 1.32
C ALA B 126 4.56 -26.16 1.25
N GLY B 127 5.25 -27.25 1.51
CA GLY B 127 4.62 -28.53 1.75
C GLY B 127 4.84 -29.61 0.71
N ALA B 128 5.82 -29.45 -0.18
CA ALA B 128 6.05 -30.46 -1.21
C ALA B 128 6.48 -31.77 -0.56
N PRO B 129 6.02 -32.91 -1.06
CA PRO B 129 6.48 -34.19 -0.50
C PRO B 129 7.97 -34.36 -0.72
N VAL B 130 8.66 -34.76 0.35
CA VAL B 130 10.11 -34.84 0.34
C VAL B 130 10.52 -36.20 -0.21
N ARG B 131 11.33 -36.19 -1.26
CA ARG B 131 11.84 -37.41 -1.86
C ARG B 131 13.28 -37.66 -1.41
N ASP B 132 13.67 -38.94 -1.44
CA ASP B 132 15.05 -39.31 -1.15
C ASP B 132 15.88 -39.13 -2.41
N GLY B 133 16.80 -38.17 -2.38
CA GLY B 133 17.80 -38.02 -3.42
C GLY B 133 17.37 -37.50 -4.78
N VAL B 134 16.19 -37.87 -5.26
CA VAL B 134 15.74 -37.50 -6.61
C VAL B 134 14.24 -37.24 -6.57
N ALA B 135 13.80 -36.19 -7.27
CA ALA B 135 12.38 -35.91 -7.42
C ALA B 135 12.08 -35.60 -8.88
N LYS B 136 11.04 -36.23 -9.41
CA LYS B 136 10.44 -35.84 -10.68
C LYS B 136 9.25 -34.94 -10.37
N ILE B 137 9.34 -33.67 -10.77
CA ILE B 137 8.44 -32.66 -10.25
C ILE B 137 7.47 -32.14 -11.30
N ASP B 138 7.58 -32.55 -12.55
CA ASP B 138 6.60 -32.14 -13.56
C ASP B 138 5.44 -33.14 -13.53
N LEU B 139 4.36 -32.76 -12.85
CA LEU B 139 3.19 -33.62 -12.72
C LEU B 139 2.22 -33.49 -13.88
N ASP B 140 2.20 -32.34 -14.54
CA ASP B 140 1.20 -32.04 -15.57
C ASP B 140 1.86 -31.97 -16.94
N ALA B 141 1.13 -32.44 -17.95
CA ALA B 141 1.61 -32.40 -19.32
C ALA B 141 1.84 -30.96 -19.76
N ASP B 142 2.98 -30.71 -20.38
CA ASP B 142 3.35 -29.39 -20.91
C ASP B 142 3.98 -29.62 -22.29
N GLU B 143 3.15 -29.55 -23.32
CA GLU B 143 3.62 -29.83 -24.68
C GLU B 143 4.73 -28.88 -25.11
N GLY B 144 4.81 -27.70 -24.50
CA GLY B 144 5.73 -26.67 -24.93
C GLY B 144 7.07 -26.62 -24.25
N ALA B 145 7.38 -27.56 -23.36
CA ALA B 145 8.65 -27.56 -22.64
C ALA B 145 9.29 -28.93 -22.74
N GLY B 146 10.58 -28.94 -23.08
CA GLY B 146 11.34 -30.18 -23.10
C GLY B 146 11.82 -30.56 -21.72
N PRO B 147 12.29 -31.80 -21.59
CA PRO B 147 12.73 -32.28 -20.28
C PRO B 147 14.05 -31.65 -19.85
N LEU B 148 14.17 -31.40 -18.54
CA LEU B 148 15.33 -30.76 -17.95
C LEU B 148 15.73 -31.53 -16.69
N VAL B 149 17.01 -31.88 -16.59
CA VAL B 149 17.55 -32.52 -15.38
C VAL B 149 18.47 -31.53 -14.68
N ILE B 150 18.18 -31.24 -13.41
CA ILE B 150 19.03 -30.42 -12.57
C ILE B 150 19.61 -31.31 -11.49
N HIS B 151 20.93 -31.31 -11.36
CA HIS B 151 21.59 -32.22 -10.43
C HIS B 151 22.83 -31.55 -9.88
N GLY B 152 23.19 -31.93 -8.65
CA GLY B 152 24.44 -31.50 -8.10
C GLY B 152 24.61 -32.02 -6.70
N THR B 153 25.55 -31.44 -5.98
CA THR B 153 25.82 -31.81 -4.60
C THR B 153 25.68 -30.60 -3.69
N VAL B 154 25.22 -30.87 -2.48
CA VAL B 154 25.19 -29.91 -1.39
C VAL B 154 26.44 -30.13 -0.55
N THR B 155 27.31 -29.14 -0.51
CA THR B 155 28.50 -29.18 0.31
C THR B 155 28.54 -27.99 1.26
N GLY B 156 29.36 -28.12 2.31
CA GLY B 156 29.73 -26.99 3.12
C GLY B 156 30.91 -26.24 2.54
N LEU B 157 31.35 -25.22 3.27
CA LEU B 157 32.49 -24.44 2.81
C LEU B 157 33.78 -25.26 2.71
N ASP B 158 33.86 -26.39 3.40
CA ASP B 158 35.04 -27.23 3.38
C ASP B 158 35.02 -28.27 2.28
N GLY B 159 34.02 -28.26 1.40
CA GLY B 159 33.93 -29.21 0.32
C GLY B 159 33.28 -30.53 0.64
N LYS B 160 32.90 -30.78 1.91
CA LYS B 160 32.34 -32.10 2.22
C LYS B 160 30.83 -32.13 2.02
N PRO B 161 30.30 -33.25 1.55
CA PRO B 161 28.85 -33.33 1.28
C PRO B 161 28.03 -33.21 2.56
N VAL B 162 26.87 -32.59 2.43
CA VAL B 162 25.94 -32.39 3.53
C VAL B 162 24.85 -33.45 3.45
N ALA B 163 24.80 -34.32 4.45
CA ALA B 163 23.75 -35.33 4.50
C ALA B 163 22.47 -34.75 5.09
N GLY B 164 21.35 -35.17 4.53
CA GLY B 164 20.07 -34.77 5.10
C GLY B 164 19.70 -33.33 4.90
N ALA B 165 20.32 -32.65 3.94
CA ALA B 165 19.88 -31.30 3.58
C ALA B 165 18.62 -31.36 2.74
N LEU B 166 17.73 -30.41 2.95
CA LEU B 166 16.49 -30.33 2.20
C LEU B 166 16.64 -29.31 1.09
N VAL B 167 16.60 -29.78 -0.15
CA VAL B 167 16.64 -28.90 -1.32
C VAL B 167 15.21 -28.78 -1.86
N GLU B 168 14.67 -27.57 -1.84
CA GLU B 168 13.38 -27.30 -2.44
C GLU B 168 13.57 -26.51 -3.73
N CYS B 169 12.67 -26.75 -4.67
CA CYS B 169 12.79 -26.23 -6.03
C CYS B 169 11.42 -25.82 -6.54
N TRP B 170 11.33 -24.63 -7.15
CA TRP B 170 10.10 -24.29 -7.85
C TRP B 170 10.42 -23.43 -9.05
N HIS B 171 9.64 -23.60 -10.12
CA HIS B 171 9.79 -22.81 -11.33
C HIS B 171 8.49 -22.85 -12.13
N ALA B 172 8.49 -22.12 -13.25
CA ALA B 172 7.30 -21.92 -14.08
C ALA B 172 7.21 -22.96 -15.19
N ASN B 173 6.04 -23.01 -15.83
CA ASN B 173 5.79 -23.86 -16.98
C ASN B 173 6.15 -23.09 -18.25
N SER B 174 5.83 -23.67 -19.42
CA SER B 174 6.20 -23.06 -20.69
C SER B 174 5.43 -21.80 -21.01
N HIS B 175 4.39 -21.48 -20.24
CA HIS B 175 3.69 -20.21 -20.36
C HIS B 175 4.12 -19.21 -19.29
N GLY B 176 5.11 -19.58 -18.47
CA GLY B 176 5.59 -18.69 -17.43
C GLY B 176 4.71 -18.62 -16.20
N PHE B 177 3.89 -19.63 -15.96
CA PHE B 177 2.98 -19.68 -14.82
C PHE B 177 3.42 -20.74 -13.82
N TYR B 178 3.25 -20.43 -12.54
CA TYR B 178 3.58 -21.32 -11.45
C TYR B 178 2.31 -21.99 -10.93
N SER B 179 2.42 -23.25 -10.53
CA SER B 179 1.28 -23.89 -9.87
C SER B 179 0.91 -23.10 -8.62
N HIS B 180 -0.38 -23.14 -8.28
CA HIS B 180 -1.00 -22.38 -7.19
C HIS B 180 -1.18 -20.92 -7.56
N PHE B 181 -0.59 -20.46 -8.68
CA PHE B 181 -0.68 -19.08 -9.12
C PHE B 181 -0.97 -18.98 -10.61
N ASP B 182 -1.64 -19.98 -11.18
CA ASP B 182 -1.87 -19.98 -12.62
C ASP B 182 -3.19 -19.29 -12.93
N PRO B 183 -3.18 -18.17 -13.67
CA PRO B 183 -4.43 -17.45 -13.96
C PRO B 183 -5.25 -18.06 -15.09
N THR B 184 -4.78 -19.13 -15.71
CA THR B 184 -5.53 -19.78 -16.79
C THR B 184 -6.21 -21.08 -16.36
N GLY B 185 -5.77 -21.68 -15.26
CA GLY B 185 -6.37 -22.90 -14.77
C GLY B 185 -5.75 -23.30 -13.46
N LYS B 186 -6.11 -24.49 -12.99
CA LYS B 186 -5.57 -25.04 -11.76
C LYS B 186 -4.62 -26.17 -12.13
N GLN B 187 -3.32 -25.92 -11.97
CA GLN B 187 -2.35 -26.99 -12.07
C GLN B 187 -2.47 -27.90 -10.85
N SER B 188 -1.84 -29.06 -10.94
CA SER B 188 -1.81 -29.95 -9.78
C SER B 188 -1.03 -29.29 -8.64
N ASP B 189 -1.41 -29.61 -7.42
CA ASP B 189 -0.64 -29.16 -6.26
C ASP B 189 0.81 -29.60 -6.41
N PHE B 190 1.73 -28.64 -6.32
CA PHE B 190 3.17 -28.85 -6.38
C PHE B 190 3.68 -29.25 -7.76
N ASN B 191 2.93 -28.96 -8.81
CA ASN B 191 3.49 -29.12 -10.15
C ASN B 191 4.67 -28.20 -10.30
N LEU B 192 5.79 -28.76 -10.78
CA LEU B 192 7.04 -28.04 -10.93
C LEU B 192 7.54 -27.49 -9.59
N ARG B 193 7.22 -28.17 -8.50
CA ARG B 193 7.78 -27.91 -7.18
C ARG B 193 8.13 -29.25 -6.56
N GLY B 194 9.33 -29.35 -5.99
CA GLY B 194 9.74 -30.58 -5.35
C GLY B 194 10.61 -30.30 -4.15
N ALA B 195 10.89 -31.37 -3.41
CA ALA B 195 11.84 -31.31 -2.29
C ALA B 195 12.55 -32.64 -2.22
N VAL B 196 13.88 -32.60 -2.12
CA VAL B 196 14.67 -33.81 -1.97
C VAL B 196 15.53 -33.69 -0.73
N LYS B 197 15.60 -34.77 0.04
CA LYS B 197 16.53 -34.91 1.14
C LYS B 197 17.79 -35.58 0.60
N THR B 198 18.93 -34.95 0.77
CA THR B 198 20.15 -35.53 0.26
C THR B 198 20.58 -36.69 1.15
N GLY B 199 21.28 -37.64 0.56
CA GLY B 199 21.85 -38.74 1.28
C GLY B 199 23.22 -38.39 1.81
N ALA B 200 23.97 -39.44 2.17
CA ALA B 200 25.32 -39.23 2.67
C ALA B 200 26.25 -38.60 1.63
N ASP B 201 25.96 -38.78 0.34
CA ASP B 201 26.78 -38.23 -0.73
C ASP B 201 26.43 -36.79 -1.08
N GLY B 202 25.50 -36.18 -0.33
CA GLY B 202 25.09 -34.81 -0.58
C GLY B 202 24.42 -34.54 -1.91
N LYS B 203 24.05 -35.57 -2.66
CA LYS B 203 23.56 -35.38 -4.03
C LYS B 203 22.06 -35.14 -4.03
N TYR B 204 21.63 -34.22 -4.89
CA TYR B 204 20.23 -33.90 -5.14
C TYR B 204 19.99 -34.00 -6.64
N GLU B 205 18.74 -34.28 -7.03
CA GLU B 205 18.43 -34.30 -8.45
C GLU B 205 16.97 -33.99 -8.67
N PHE B 206 16.68 -33.09 -9.61
CA PHE B 206 15.33 -32.77 -10.01
C PHE B 206 15.16 -33.10 -11.49
N ARG B 207 14.09 -33.81 -11.81
CA ARG B 207 13.72 -34.11 -13.18
C ARG B 207 12.42 -33.39 -13.49
N THR B 208 12.46 -32.53 -14.49
CA THR B 208 11.40 -31.55 -14.67
C THR B 208 11.40 -31.14 -16.14
N LEU B 209 10.80 -30.00 -16.44
CA LEU B 209 10.76 -29.43 -17.78
C LEU B 209 11.30 -28.00 -17.73
N MET B 210 11.75 -27.53 -18.89
CA MET B 210 12.44 -26.24 -18.98
C MET B 210 11.45 -25.09 -18.78
N PRO B 211 11.68 -24.20 -17.80
CA PRO B 211 10.80 -23.05 -17.65
C PRO B 211 11.05 -21.99 -18.70
N VAL B 212 10.09 -21.09 -18.85
CA VAL B 212 10.24 -19.87 -19.62
C VAL B 212 9.99 -18.70 -18.68
N GLY B 213 10.46 -17.52 -19.10
CA GLY B 213 10.47 -16.38 -18.20
C GLY B 213 9.09 -15.93 -17.77
N TYR B 214 9.06 -15.25 -16.64
CA TYR B 214 7.85 -14.75 -15.99
C TYR B 214 7.51 -13.35 -16.51
N GLY B 215 6.22 -13.03 -16.49
CA GLY B 215 5.76 -11.69 -16.80
C GLY B 215 4.68 -11.26 -15.84
N CYS B 216 4.74 -10.02 -15.36
CA CYS B 216 3.72 -9.53 -14.44
C CYS B 216 2.33 -9.64 -15.07
N PRO B 217 1.30 -9.87 -14.26
CA PRO B 217 -0.08 -9.76 -14.74
C PRO B 217 -0.29 -8.45 -15.47
N PRO B 218 -0.73 -8.49 -16.73
CA PRO B 218 -0.66 -7.28 -17.57
C PRO B 218 -1.60 -6.16 -17.14
N GLN B 219 -2.72 -6.47 -16.48
CA GLN B 219 -3.60 -5.44 -15.94
C GLN B 219 -3.37 -5.20 -14.46
N GLY B 220 -2.39 -5.87 -13.85
CA GLY B 220 -2.14 -5.70 -12.44
C GLY B 220 -1.48 -4.38 -12.11
N ALA B 221 -1.54 -4.05 -10.82
CA ALA B 221 -1.03 -2.77 -10.34
C ALA B 221 0.48 -2.65 -10.54
N THR B 222 1.20 -3.77 -10.43
CA THR B 222 2.65 -3.71 -10.64
C THR B 222 2.96 -3.27 -12.06
N GLN B 223 2.38 -3.96 -13.04
CA GLN B 223 2.62 -3.61 -14.44
C GLN B 223 2.08 -2.22 -14.76
N GLN B 224 0.97 -1.83 -14.15
CA GLN B 224 0.45 -0.48 -14.36
C GLN B 224 1.47 0.57 -13.98
N LEU B 225 2.10 0.44 -12.80
CA LEU B 225 3.12 1.40 -12.41
C LEU B 225 4.36 1.28 -13.27
N LEU B 226 4.81 0.05 -13.54
CA LEU B 226 5.94 -0.15 -14.44
C LEU B 226 5.68 0.50 -15.80
N ASP B 227 4.48 0.28 -16.36
CA ASP B 227 4.12 0.96 -17.61
C ASP B 227 4.28 2.46 -17.49
N ARG B 228 3.82 3.04 -16.37
CA ARG B 228 3.95 4.48 -16.18
C ARG B 228 5.40 4.92 -16.09
N LEU B 229 6.26 4.07 -15.52
CA LEU B 229 7.68 4.38 -15.43
C LEU B 229 8.43 4.14 -16.72
N GLY B 230 7.80 3.48 -17.70
CA GLY B 230 8.48 3.10 -18.91
C GLY B 230 9.28 1.82 -18.81
N ARG B 231 8.90 0.89 -17.93
CA ARG B 231 9.64 -0.33 -17.68
C ARG B 231 8.81 -1.56 -18.05
N HIS B 232 9.50 -2.61 -18.50
CA HIS B 232 8.83 -3.88 -18.69
C HIS B 232 8.76 -4.64 -17.37
N GLY B 233 7.87 -5.62 -17.32
CA GLY B 233 7.69 -6.44 -16.14
C GLY B 233 8.03 -7.90 -16.32
N ASN B 234 9.11 -8.19 -17.04
CA ASN B 234 9.48 -9.57 -17.36
C ASN B 234 10.73 -9.99 -16.60
N ARG B 235 10.82 -11.30 -16.32
CA ARG B 235 12.00 -11.97 -15.79
C ARG B 235 12.54 -12.97 -16.81
N PRO B 236 13.84 -13.21 -16.83
CA PRO B 236 14.37 -14.33 -17.62
C PRO B 236 13.97 -15.66 -16.99
N ALA B 237 14.06 -16.72 -17.80
CA ALA B 237 13.74 -18.06 -17.30
C ALA B 237 14.69 -18.43 -16.17
N HIS B 238 14.14 -19.04 -15.12
CA HIS B 238 14.93 -19.25 -13.91
C HIS B 238 14.28 -20.36 -13.10
N VAL B 239 15.04 -20.83 -12.11
CA VAL B 239 14.60 -21.86 -11.16
C VAL B 239 15.00 -21.40 -9.76
N HIS B 240 14.07 -21.48 -8.81
CA HIS B 240 14.29 -21.09 -7.42
C HIS B 240 14.75 -22.26 -6.56
N PHE B 241 15.56 -21.96 -5.54
CA PHE B 241 15.90 -22.96 -4.55
C PHE B 241 15.90 -22.40 -3.13
N PHE B 242 15.41 -23.22 -2.20
CA PHE B 242 15.76 -23.18 -0.79
C PHE B 242 16.67 -24.35 -0.49
N VAL B 243 17.70 -24.14 0.32
CA VAL B 243 18.47 -25.27 0.88
C VAL B 243 18.52 -25.11 2.39
N THR B 244 18.01 -26.12 3.10
CA THR B 244 17.91 -26.08 4.56
C THR B 244 18.59 -27.30 5.14
N SER B 245 19.35 -27.10 6.23
CA SER B 245 20.05 -28.19 6.91
C SER B 245 20.61 -27.67 8.22
N ASP B 246 20.54 -28.50 9.26
CA ASP B 246 21.08 -28.08 10.55
CA ASP B 246 21.08 -28.11 10.56
C ASP B 246 22.57 -27.83 10.44
N GLY B 247 23.06 -26.90 11.26
CA GLY B 247 24.45 -26.53 11.19
C GLY B 247 24.81 -25.57 10.07
N HIS B 248 23.86 -25.24 9.19
CA HIS B 248 24.08 -24.28 8.11
C HIS B 248 22.96 -23.25 8.09
N ARG B 249 23.27 -22.09 7.54
CA ARG B 249 22.24 -21.08 7.35
C ARG B 249 21.37 -21.43 6.15
N LYS B 250 20.11 -20.98 6.19
CA LYS B 250 19.19 -21.34 5.12
C LYS B 250 19.52 -20.54 3.86
N LEU B 251 19.77 -21.24 2.77
CA LEU B 251 20.16 -20.60 1.51
C LEU B 251 18.91 -20.36 0.66
N THR B 252 18.72 -19.11 0.26
CA THR B 252 17.71 -18.74 -0.72
C THR B 252 18.46 -18.28 -1.96
N THR B 253 18.19 -18.91 -3.10
CA THR B 253 18.94 -18.57 -4.30
C THR B 253 18.15 -18.99 -5.52
N GLN B 254 18.78 -18.85 -6.69
CA GLN B 254 18.18 -19.24 -7.95
CA GLN B 254 18.18 -19.14 -7.99
C GLN B 254 19.30 -19.39 -8.97
N PHE B 255 18.95 -19.91 -10.14
CA PHE B 255 19.83 -19.74 -11.28
C PHE B 255 18.98 -19.41 -12.50
N ASN B 256 19.59 -18.71 -13.44
CA ASN B 256 18.97 -18.33 -14.69
C ASN B 256 19.34 -19.34 -15.76
N ILE B 257 18.40 -19.56 -16.70
CA ILE B 257 18.70 -20.41 -17.85
C ILE B 257 19.68 -19.70 -18.76
N GLU B 258 20.78 -20.39 -19.09
CA GLU B 258 21.83 -19.80 -19.92
C GLU B 258 21.25 -19.31 -21.24
N GLY B 259 21.63 -18.09 -21.62
CA GLY B 259 21.29 -17.57 -22.93
C GLY B 259 20.00 -16.80 -23.03
N ASP B 260 19.24 -16.69 -21.95
CA ASP B 260 18.00 -15.92 -22.00
C ASP B 260 18.32 -14.46 -22.27
N PRO B 261 17.68 -13.82 -23.26
CA PRO B 261 18.03 -12.43 -23.58
C PRO B 261 17.68 -11.44 -22.48
N LEU B 262 16.88 -11.84 -21.50
CA LEU B 262 16.52 -10.96 -20.40
C LEU B 262 17.41 -11.14 -19.17
N ILE B 263 18.48 -11.95 -19.28
CA ILE B 263 19.29 -12.24 -18.11
C ILE B 263 19.86 -10.98 -17.48
N TRP B 264 20.33 -10.04 -18.31
CA TRP B 264 20.84 -8.78 -17.78
C TRP B 264 19.83 -7.65 -17.92
N ASP B 265 18.53 -7.98 -17.93
CA ASP B 265 17.47 -6.96 -17.89
C ASP B 265 16.27 -7.53 -17.14
N ASP B 266 16.51 -8.08 -15.96
CA ASP B 266 15.49 -8.65 -15.10
C ASP B 266 14.74 -7.51 -14.42
N PHE B 267 13.41 -7.54 -14.48
CA PHE B 267 12.66 -6.45 -13.84
C PHE B 267 12.73 -6.51 -12.32
N ALA B 268 13.20 -7.62 -11.76
CA ALA B 268 13.35 -7.77 -10.31
C ALA B 268 14.80 -7.79 -9.87
N TYR B 269 15.73 -7.53 -10.80
CA TYR B 269 17.13 -7.24 -10.49
C TYR B 269 17.82 -8.38 -9.73
N ALA B 270 17.48 -9.62 -10.08
CA ALA B 270 17.90 -10.79 -9.30
C ALA B 270 19.03 -11.59 -9.92
N THR B 271 19.46 -11.25 -11.12
CA THR B 271 20.50 -12.03 -11.79
C THR B 271 21.86 -11.80 -11.13
N ARG B 272 22.63 -12.87 -10.96
CA ARG B 272 23.97 -12.78 -10.45
C ARG B 272 24.91 -13.60 -11.33
N GLU B 273 26.14 -13.11 -11.45
CA GLU B 273 27.12 -13.68 -12.38
C GLU B 273 27.38 -15.14 -12.07
N GLU B 274 27.38 -15.49 -10.79
CA GLU B 274 27.66 -16.86 -10.38
C GLU B 274 26.45 -17.78 -10.50
N LEU B 275 25.29 -17.25 -10.88
CA LEU B 275 24.04 -17.99 -10.91
C LEU B 275 23.54 -18.22 -12.34
N ILE B 276 24.47 -18.38 -13.28
CA ILE B 276 24.17 -18.61 -14.69
C ILE B 276 24.96 -19.85 -15.13
N PRO B 277 24.53 -21.04 -14.77
CA PRO B 277 25.35 -22.24 -15.06
C PRO B 277 25.12 -22.71 -16.48
N PRO B 278 26.14 -23.33 -17.09
CA PRO B 278 25.97 -23.92 -18.42
C PRO B 278 24.88 -24.99 -18.45
N VAL B 279 24.20 -25.07 -19.58
CA VAL B 279 23.23 -26.13 -19.87
C VAL B 279 23.85 -27.05 -20.92
N THR B 280 23.69 -28.37 -20.73
CA THR B 280 24.24 -29.40 -21.61
C THR B 280 23.12 -30.20 -22.27
N ALA B 281 23.29 -30.53 -23.55
CA ALA B 281 22.43 -31.49 -24.23
C ALA B 281 22.90 -32.91 -23.95
N LYS B 282 21.96 -33.80 -23.65
CA LYS B 282 22.28 -35.18 -23.31
C LYS B 282 21.21 -36.12 -23.88
N ALA B 283 21.53 -37.40 -23.92
CA ALA B 283 20.64 -38.43 -24.45
C ALA B 283 20.41 -39.51 -23.41
N GLY B 284 19.57 -40.48 -23.75
CA GLY B 284 19.18 -41.51 -22.81
C GLY B 284 18.15 -41.07 -21.79
N GLY B 285 17.21 -40.21 -22.18
CA GLY B 285 16.26 -39.69 -21.21
C GLY B 285 15.25 -40.72 -20.76
N ALA B 286 14.84 -41.62 -21.66
CA ALA B 286 13.81 -42.61 -21.32
C ALA B 286 14.22 -43.45 -20.12
N ALA B 287 15.50 -43.80 -20.03
CA ALA B 287 16.00 -44.57 -18.89
C ALA B 287 15.84 -43.83 -17.57
N LEU B 288 15.57 -42.52 -17.60
CA LEU B 288 15.36 -41.72 -16.41
C LEU B 288 13.91 -41.35 -16.20
N GLY B 289 12.98 -41.98 -16.92
CA GLY B 289 11.59 -41.62 -16.85
C GLY B 289 11.22 -40.35 -17.58
N LEU B 290 12.15 -39.76 -18.34
CA LEU B 290 11.89 -38.55 -19.08
C LEU B 290 11.05 -38.85 -20.32
N LYS B 291 10.32 -37.83 -20.78
CA LYS B 291 9.37 -37.99 -21.87
C LYS B 291 10.01 -38.00 -23.25
N ALA B 292 11.33 -37.87 -23.33
CA ALA B 292 12.01 -37.82 -24.62
C ALA B 292 13.47 -38.20 -24.42
N ASP B 293 14.10 -38.71 -25.48
CA ASP B 293 15.47 -39.21 -25.37
C ASP B 293 16.46 -38.07 -25.16
N ALA B 294 16.38 -37.02 -25.98
CA ALA B 294 17.23 -35.86 -25.81
C ALA B 294 16.69 -34.98 -24.69
N TYR B 295 17.59 -34.49 -23.84
CA TYR B 295 17.19 -33.63 -22.73
C TYR B 295 18.32 -32.67 -22.38
N GLN B 296 17.95 -31.58 -21.74
CA GLN B 296 18.91 -30.58 -21.28
C GLN B 296 19.25 -30.85 -19.82
N ASP B 297 20.52 -30.59 -19.48
CA ASP B 297 21.09 -31.01 -18.21
C ASP B 297 21.84 -29.84 -17.61
N ILE B 298 21.57 -29.53 -16.34
CA ILE B 298 22.28 -28.47 -15.64
C ILE B 298 22.91 -29.04 -14.39
N GLU B 299 24.23 -28.98 -14.29
CA GLU B 299 24.93 -29.33 -13.06
C GLU B 299 25.09 -28.07 -12.22
N PHE B 300 24.57 -28.11 -11.00
CA PHE B 300 24.66 -26.96 -10.12
C PHE B 300 24.80 -27.43 -8.69
N ASN B 301 25.90 -27.05 -8.07
CA ASN B 301 26.17 -27.41 -6.69
C ASN B 301 25.81 -26.26 -5.77
N PHE B 302 25.42 -26.60 -4.55
CA PHE B 302 25.12 -25.60 -3.53
C PHE B 302 26.20 -25.66 -2.47
N VAL B 303 26.92 -24.55 -2.29
CA VAL B 303 27.92 -24.43 -1.24
C VAL B 303 27.30 -23.57 -0.13
N LEU B 304 27.08 -24.17 1.03
CA LEU B 304 26.39 -23.54 2.15
C LEU B 304 27.38 -22.88 3.09
N THR B 305 26.87 -21.95 3.91
CA THR B 305 27.65 -21.34 4.97
C THR B 305 27.20 -21.87 6.33
N PRO B 306 28.07 -21.84 7.34
CA PRO B 306 27.72 -22.43 8.63
C PRO B 306 26.99 -21.45 9.54
N ARG B 307 26.17 -22.00 10.42
CA ARG B 307 25.65 -21.19 11.51
C ARG B 307 26.79 -20.68 12.36
N VAL B 308 26.61 -19.50 12.96
CA VAL B 308 27.61 -18.91 13.82
C VAL B 308 27.09 -18.95 15.25
N GLU B 309 27.80 -19.67 16.13
CA GLU B 309 27.33 -19.87 17.49
C GLU B 309 25.95 -20.53 17.49
N GLY B 310 25.69 -21.36 16.48
CA GLY B 310 24.42 -22.04 16.34
C GLY B 310 23.30 -21.20 15.77
N LYS B 311 23.56 -19.97 15.37
CA LYS B 311 22.51 -19.05 14.98
C LYS B 311 22.54 -18.76 13.48
N ASP B 312 21.37 -18.59 12.89
CA ASP B 312 21.18 -18.20 11.49
C ASP B 312 20.51 -16.83 11.51
N ASN B 313 21.32 -15.77 11.44
CA ASN B 313 20.77 -14.42 11.57
C ASN B 313 20.25 -13.83 10.27
N GLN B 314 20.25 -14.57 9.15
CA GLN B 314 19.73 -14.03 7.89
C GLN B 314 18.51 -14.77 7.34
N ILE B 315 18.00 -15.78 8.04
CA ILE B 315 16.76 -16.43 7.63
C ILE B 315 15.62 -15.43 7.73
N VAL B 316 14.67 -15.52 6.79
CA VAL B 316 13.64 -14.52 6.60
C VAL B 316 12.28 -15.18 6.80
N GLU B 317 11.45 -14.58 7.66
CA GLU B 317 10.07 -14.99 7.84
C GLU B 317 9.17 -14.03 7.08
N ARG B 318 8.33 -14.57 6.19
CA ARG B 318 7.33 -13.80 5.48
C ARG B 318 6.15 -14.69 5.16
N LEU B 319 5.00 -14.06 4.87
CA LEU B 319 3.81 -14.82 4.49
CA LEU B 319 3.80 -14.81 4.49
C LEU B 319 4.10 -15.67 3.27
N ARG B 320 3.90 -16.97 3.40
CA ARG B 320 4.15 -17.92 2.31
C ARG B 320 2.95 -18.85 2.17
N ALA B 321 2.59 -19.12 0.92
CA ALA B 321 1.49 -20.05 0.64
C ALA B 321 1.88 -21.48 1.01
N SER B 322 0.87 -22.31 1.20
CA SER B 322 1.05 -23.73 1.47
CA SER B 322 1.05 -23.73 1.49
C SER B 322 -0.05 -24.53 0.80
N ALA B 323 0.24 -25.79 0.51
CA ALA B 323 -0.70 -26.64 -0.21
C ALA B 323 -0.71 -28.04 0.35
N THR B 324 -1.77 -28.78 -0.01
CA THR B 324 -2.03 -30.15 0.42
C THR B 324 -0.83 -31.08 0.21
C1 PTY C . 4.96 -6.27 12.78
C2 PTY C . -0.15 -10.28 13.25
C3 PTY C . 0.78 -11.00 12.28
O4 PTY C . 5.34 -4.94 12.47
C5 PTY C . 3.06 -7.81 13.11
C6 PTY C . 3.45 -6.36 12.84
O7 PTY C . 2.90 -5.97 11.59
C8 PTY C . 1.65 -5.24 11.70
O10 PTY C . 0.68 -5.75 12.25
C11 PTY C . 1.59 -3.87 11.11
C12 PTY C . 2.92 -3.69 10.40
C13 PTY C . 2.82 -2.65 9.32
C14 PTY C . 3.74 -1.49 9.65
C15 PTY C . 4.11 -0.78 8.36
C16 PTY C . 2.87 -0.62 7.50
C17 PTY C . 3.01 0.60 6.61
C18 PTY C . 3.60 1.74 7.43
C19 PTY C . 3.63 3.02 6.61
C20 PTY C . 3.20 4.19 7.48
C21 PTY C . 4.06 5.41 7.19
C22 PTY C . 4.60 5.39 5.78
C23 PTY C . 3.89 6.40 4.90
C24 PTY C . 2.83 5.72 4.05
C25 PTY C . 1.47 5.73 4.75
C26 PTY C . 0.39 5.55 3.71
C27 PTY C . -0.74 6.54 3.94
C28 PTY C . -1.72 6.44 2.78
C29 PTY C . -2.30 5.04 2.74
C30 PTY C . 6.71 -4.67 12.07
C31 PTY C . 7.13 -3.30 11.60
O30 PTY C . 7.51 -5.59 12.09
C32 PTY C . 6.92 -3.22 10.09
C33 PTY C . 7.40 -1.89 9.50
C34 PTY C . 7.75 -2.07 8.03
C35 PTY C . 8.33 -0.80 7.44
C36 PTY C . 8.86 -1.06 6.03
C37 PTY C . 7.72 -1.51 5.13
C38 PTY C . 7.96 -1.03 3.71
C39 PTY C . 6.82 -1.46 2.79
C40 PTY C . 6.76 -0.53 1.59
C41 PTY C . 6.67 -1.34 0.29
C42 PTY C . 6.73 -0.49 -0.98
C43 PTY C . 6.71 -1.39 -2.21
C44 PTY C . 5.75 -2.55 -2.01
P1 PTY C . 3.24 -10.14 11.88
O11 PTY C . 1.65 -10.06 11.65
O12 PTY C . 3.88 -10.61 10.60
O13 PTY C . 3.49 -10.90 13.17
O14 PTY C . 3.66 -8.60 12.09
N1 PTY C . 0.61 -9.85 14.40
FE FE D . -17.27 11.58 8.44
C1 CAQ E . -12.78 8.42 8.23
C2 CAQ E . -14.16 8.58 8.23
C3 CAQ E . -14.69 9.86 8.25
O3 CAQ E . -16.03 10.08 8.23
C4 CAQ E . -13.78 11.01 8.27
O4 CAQ E . -14.32 12.26 8.29
C5 CAQ E . -12.41 10.81 8.27
C6 CAQ E . -11.91 9.51 8.26
C1 EDO F . -14.14 2.01 4.48
O1 EDO F . -14.09 0.74 3.83
C2 EDO F . -13.64 3.07 3.50
O2 EDO F . -14.50 3.09 2.36
C1 EDO G . 8.26 19.92 -12.29
C1 EDO G . 8.30 19.90 -12.31
O1 EDO G . 6.96 19.52 -11.83
O1 EDO G . 8.30 20.95 -13.28
C2 EDO G . 8.91 18.76 -13.03
C2 EDO G . 8.84 18.63 -12.96
O2 EDO G . 8.93 17.61 -12.19
O2 EDO G . 8.85 17.56 -12.01
CL CL H . -25.36 0.86 3.10
C1 PTY I . -1.19 9.14 -11.45
C2 PTY I . -4.93 4.16 -13.40
C3 PTY I . -5.23 5.65 -13.62
O4 PTY I . 0.15 9.52 -11.17
C5 PTY I . -2.57 7.22 -12.21
C6 PTY I . -1.20 7.64 -11.69
O7 PTY I . -0.92 6.96 -10.46
C8 PTY I . -0.33 5.64 -10.67
O10 PTY I . -0.38 5.10 -11.78
C11 PTY I . 0.32 4.94 -9.50
C12 PTY I . 1.50 5.77 -9.02
C13 PTY I . 1.64 5.65 -7.52
C14 PTY I . 3.05 5.33 -7.07
C15 PTY I . 3.01 4.95 -5.61
C16 PTY I . 4.15 4.00 -5.24
C17 PTY I . 5.41 4.76 -4.86
C18 PTY I . 6.51 3.76 -4.56
C19 PTY I . 7.74 4.43 -3.95
C20 PTY I . 8.52 3.43 -3.13
C21 PTY I . 7.67 2.88 -1.98
C22 PTY I . 7.41 3.98 -0.95
C23 PTY I . 6.45 3.49 0.14
C24 PTY I . 6.74 4.14 1.49
C25 PTY I . 6.47 5.63 1.48
C26 PTY I . 6.99 6.26 2.77
C27 PTY I . 8.47 5.92 2.98
C28 PTY I . 9.34 7.17 2.99
C29 PTY I . 9.23 7.92 1.67
C30 PTY I . 0.46 10.77 -10.51
C31 PTY I . 1.89 11.09 -10.14
O30 PTY I . -0.44 11.56 -10.28
C32 PTY I . 2.40 10.00 -9.20
C33 PTY I . 1.37 9.76 -8.11
C34 PTY I . 1.95 10.07 -6.74
C35 PTY I . 2.68 8.86 -6.19
C36 PTY I . 3.11 9.11 -4.75
C37 PTY I . 1.93 9.56 -3.92
C38 PTY I . 2.29 9.58 -2.44
C39 PTY I . 1.06 9.28 -1.60
C40 PTY I . 0.78 7.78 -1.53
C41 PTY I . 1.48 7.17 -0.33
C42 PTY I . 2.81 6.57 -0.75
C43 PTY I . 2.61 5.56 -1.89
C44 PTY I . 3.39 4.28 -1.64
P1 PTY I . -5.10 7.95 -12.32
O11 PTY I . -5.24 6.34 -12.38
O12 PTY I . -5.95 8.45 -11.16
O13 PTY I . -5.36 8.49 -13.71
O14 PTY I . -3.56 8.19 -11.91
N1 PTY I . -6.09 3.50 -12.84
FE FE J . 10.32 -17.12 -10.15
C1 CAQ K . 8.15 -12.08 -9.37
C2 CAQ K . 7.87 -13.37 -9.79
C3 CAQ K . 8.85 -14.34 -9.72
O3 CAQ K . 8.62 -15.62 -10.12
C4 CAQ K . 10.18 -13.98 -9.20
O4 CAQ K . 11.15 -14.93 -9.13
C5 CAQ K . 10.42 -12.68 -8.78
C6 CAQ K . 9.40 -11.73 -8.87
C1 EDO L . 30.09 -24.83 6.33
O1 EDO L . 29.40 -26.07 6.53
C2 EDO L . 31.55 -25.09 6.71
O2 EDO L . 32.19 -23.84 7.01
C1 EDO M . 20.12 -7.31 -14.20
O1 EDO M . 19.15 -8.35 -14.29
C2 EDO M . 20.33 -7.00 -12.73
O2 EDO M . 20.28 -8.24 -12.02
#